data_1NXG
#
_entry.id   1NXG
#
_cell.length_a   164.888
_cell.length_b   164.888
_cell.length_c   158.859
_cell.angle_alpha   90.00
_cell.angle_beta   90.00
_cell.angle_gamma   120.00
#
_symmetry.space_group_name_H-M   'H 3'
#
loop_
_entity.id
_entity.type
_entity.pdbx_description
1 polymer 'Citrate synthase'
2 non-polymer 'SULFATE ION'
3 non-polymer '1,4-DIHYDRONICOTINAMIDE ADENINE DINUCLEOTIDE'
4 water water
#
_entity_poly.entity_id   1
_entity_poly.type   'polypeptide(L)'
_entity_poly.pdbx_seq_one_letter_code
;MADTKAKLTLNGDTAVELDVLKGTLGQDVIDIRTLGSKGVFTFDPGFTSTASCESKITFIDGDEGILLHRGFPIDQLATD
SNYLEVCYILLNGEKPTQEQYDEFKTTVTRHTMIHEQITRLFHAFRRDSHPMAVMCGITGALAAFYHDSLDVNNPRHREI
AAFRLLSKMPTMAAMCYKYSIGQPFVYPRNDLSYAGNFLNMMFSTPCEPYEVNPILERAMDRILILHADHEQNASTSTVR
TAGSSGANPFACIAAGIASLWGPAHGGANEAALKMLEEISSVKHIPEFFRRAKDKNDSFRLMGFGHRVYKNYDPRATVMR
ETCHEVLKELGTKDDLLEVAMELENIALNDPYFIEKKLYPNVDFYSGIILKAMGIPSSMFTVIAAMARTVGWIAHWSEMH
SDGMKIARPRQLYTGYEKRDFKSDIKR
;
_entity_poly.pdbx_strand_id   A,B
#
loop_
_chem_comp.id
_chem_comp.type
_chem_comp.name
_chem_comp.formula
NAI non-polymer '1,4-DIHYDRONICOTINAMIDE ADENINE DINUCLEOTIDE' 'C21 H29 N7 O14 P2'
SO4 non-polymer 'SULFATE ION' 'O4 S -2'
#
# COMPACT_ATOMS: atom_id res chain seq x y z
N ALA A 2 34.09 -0.98 13.92
CA ALA A 2 34.87 0.21 13.50
C ALA A 2 36.13 -0.18 12.73
N ASP A 3 36.09 -1.38 12.14
CA ASP A 3 37.22 -1.91 11.38
C ASP A 3 37.32 -1.25 10.00
N THR A 4 36.25 -1.39 9.21
CA THR A 4 36.22 -0.83 7.86
C THR A 4 35.06 0.14 7.63
N LYS A 5 34.82 1.04 8.58
CA LYS A 5 33.74 2.04 8.48
C LYS A 5 34.10 3.12 7.46
N ALA A 6 34.99 2.78 6.53
CA ALA A 6 35.45 3.70 5.51
C ALA A 6 35.16 3.28 4.08
N LYS A 7 35.69 2.13 3.66
CA LYS A 7 35.51 1.66 2.29
C LYS A 7 35.75 0.17 2.08
N LEU A 8 35.27 -0.33 0.95
CA LEU A 8 35.41 -1.72 0.56
C LEU A 8 35.30 -1.82 -0.95
N THR A 9 35.52 -3.00 -1.51
CA THR A 9 35.47 -3.16 -2.96
C THR A 9 34.65 -4.31 -3.50
N LEU A 10 33.94 -4.04 -4.59
CA LEU A 10 33.12 -5.02 -5.27
C LEU A 10 33.87 -5.41 -6.54
N ASN A 11 33.93 -6.71 -6.81
CA ASN A 11 34.62 -7.20 -7.99
C ASN A 11 33.71 -7.92 -8.98
N GLY A 12 33.18 -7.18 -9.93
CA GLY A 12 32.32 -7.76 -10.95
C GLY A 12 33.23 -8.05 -12.13
N ASP A 13 33.88 -7.00 -12.61
CA ASP A 13 34.83 -7.06 -13.72
C ASP A 13 35.86 -5.96 -13.46
N THR A 14 35.39 -4.87 -12.88
CA THR A 14 36.23 -3.75 -12.51
C THR A 14 36.03 -3.49 -11.02
N ALA A 15 37.14 -3.33 -10.30
CA ALA A 15 37.10 -3.08 -8.87
C ALA A 15 36.39 -1.78 -8.55
N VAL A 16 35.14 -1.88 -8.13
CA VAL A 16 34.33 -0.72 -7.79
C VAL A 16 34.47 -0.41 -6.30
N GLU A 17 34.85 0.82 -5.99
CA GLU A 17 35.02 1.27 -4.62
C GLU A 17 33.65 1.56 -4.03
N LEU A 18 33.31 0.84 -2.96
CA LEU A 18 32.05 1.03 -2.27
C LEU A 18 32.32 1.57 -0.89
N ASP A 19 31.74 2.73 -0.57
CA ASP A 19 31.96 3.32 0.73
C ASP A 19 31.08 2.66 1.76
N VAL A 20 31.68 2.28 2.89
CA VAL A 20 30.96 1.66 3.99
C VAL A 20 30.42 2.79 4.86
N LEU A 21 29.12 2.75 5.15
CA LEU A 21 28.48 3.75 5.97
C LEU A 21 28.19 3.14 7.33
N LYS A 22 28.21 3.96 8.37
CA LYS A 22 27.97 3.48 9.72
C LYS A 22 26.88 4.25 10.47
N GLY A 23 26.26 3.57 11.43
CA GLY A 23 25.22 4.21 12.22
C GLY A 23 25.75 4.53 13.61
N THR A 24 24.83 4.72 14.55
CA THR A 24 25.21 5.01 15.93
C THR A 24 24.91 3.76 16.77
N LEU A 25 24.16 2.84 16.15
CA LEU A 25 23.77 1.57 16.74
C LEU A 25 23.56 0.61 15.57
N GLY A 26 23.63 -0.69 15.83
CA GLY A 26 23.43 -1.67 14.78
C GLY A 26 24.63 -1.94 13.89
N GLN A 27 24.36 -2.53 12.72
CA GLN A 27 25.40 -2.89 11.74
C GLN A 27 25.72 -1.80 10.71
N ASP A 28 26.84 -1.99 10.00
CA ASP A 28 27.32 -1.08 8.94
C ASP A 28 26.66 -1.36 7.59
N VAL A 29 26.61 -0.36 6.72
CA VAL A 29 25.98 -0.54 5.41
C VAL A 29 26.85 -0.13 4.23
N ILE A 30 26.85 -0.99 3.20
CA ILE A 30 27.62 -0.77 1.98
C ILE A 30 26.81 0.06 0.98
N ASP A 31 27.17 1.34 0.87
CA ASP A 31 26.51 2.27 -0.03
C ASP A 31 26.70 1.81 -1.47
N ILE A 32 25.65 1.25 -2.07
CA ILE A 32 25.69 0.76 -3.44
C ILE A 32 24.77 1.55 -4.38
N ARG A 33 24.45 2.77 -3.98
CA ARG A 33 23.56 3.63 -4.76
C ARG A 33 24.13 4.10 -6.08
N THR A 34 25.32 3.63 -6.42
CA THR A 34 25.94 4.00 -7.67
C THR A 34 26.10 2.80 -8.58
N LEU A 35 26.05 1.60 -8.00
CA LEU A 35 26.19 0.36 -8.75
C LEU A 35 25.28 0.29 -9.96
N GLY A 36 23.99 0.55 -9.72
CA GLY A 36 23.01 0.53 -10.78
C GLY A 36 23.49 1.24 -12.02
N SER A 37 23.91 2.49 -11.86
CA SER A 37 24.39 3.31 -12.97
C SER A 37 25.58 2.64 -13.64
N LYS A 38 26.47 2.07 -12.84
CA LYS A 38 27.63 1.38 -13.36
C LYS A 38 27.18 0.06 -13.98
N GLY A 39 25.86 -0.07 -14.14
CA GLY A 39 25.26 -1.27 -14.70
C GLY A 39 25.33 -2.46 -13.77
N VAL A 40 25.46 -2.21 -12.47
CA VAL A 40 25.56 -3.29 -11.49
C VAL A 40 24.36 -3.32 -10.54
N PHE A 41 23.56 -4.40 -10.64
CA PHE A 41 22.37 -4.57 -9.81
C PHE A 41 22.52 -5.78 -8.90
N THR A 42 22.08 -5.62 -7.65
CA THR A 42 22.10 -6.74 -6.70
C THR A 42 20.75 -7.46 -6.86
N PHE A 43 20.57 -8.60 -6.18
CA PHE A 43 19.35 -9.37 -6.26
C PHE A 43 18.92 -9.78 -4.86
N ASP A 44 17.99 -9.04 -4.29
CA ASP A 44 17.58 -9.33 -2.92
C ASP A 44 16.08 -9.40 -2.63
N PRO A 45 15.35 -10.33 -3.28
CA PRO A 45 13.92 -10.41 -3.02
C PRO A 45 13.67 -10.53 -1.52
N GLY A 46 13.01 -9.52 -0.95
CA GLY A 46 12.72 -9.52 0.47
C GLY A 46 13.51 -8.47 1.23
N PHE A 47 14.48 -7.86 0.54
CA PHE A 47 15.35 -6.81 1.08
C PHE A 47 15.84 -7.24 2.43
N THR A 48 16.26 -8.49 2.51
CA THR A 48 16.64 -9.06 3.77
C THR A 48 18.09 -8.56 4.01
N SER A 49 18.84 -8.31 2.93
CA SER A 49 20.23 -7.83 3.06
C SER A 49 20.38 -6.39 2.53
N THR A 50 19.25 -5.67 2.42
CA THR A 50 19.24 -4.30 1.90
C THR A 50 18.61 -3.30 2.88
N ALA A 51 19.29 -2.17 3.07
CA ALA A 51 18.80 -1.11 3.95
C ALA A 51 18.06 -0.08 3.08
N SER A 52 16.73 -0.11 3.18
CA SER A 52 15.85 0.76 2.40
C SER A 52 15.99 2.27 2.63
N CYS A 53 16.58 2.67 3.74
CA CYS A 53 16.69 4.08 4.06
C CYS A 53 17.56 4.32 5.28
N GLU A 54 17.61 5.60 5.66
CA GLU A 54 18.33 6.07 6.83
C GLU A 54 17.19 6.46 7.78
N SER A 55 17.23 5.96 9.02
CA SER A 55 16.19 6.29 9.98
C SER A 55 16.77 6.59 11.35
N LYS A 56 16.07 7.41 12.12
CA LYS A 56 16.49 7.79 13.46
C LYS A 56 15.34 7.61 14.45
N ILE A 57 14.35 6.80 14.09
CA ILE A 57 13.19 6.60 14.96
C ILE A 57 13.32 5.42 15.92
N THR A 58 13.27 4.21 15.36
CA THR A 58 13.37 2.98 16.15
C THR A 58 14.63 2.16 15.86
N PHE A 59 15.14 1.52 16.90
CA PHE A 59 16.30 0.67 16.79
C PHE A 59 16.00 -0.64 17.47
N ILE A 60 16.21 -1.74 16.75
CA ILE A 60 15.96 -3.07 17.29
C ILE A 60 17.21 -3.91 17.26
N ASP A 61 17.46 -4.58 18.37
CA ASP A 61 18.59 -5.50 18.47
C ASP A 61 17.90 -6.81 18.82
N GLY A 62 17.48 -7.54 17.78
CA GLY A 62 16.77 -8.80 17.94
C GLY A 62 17.38 -9.86 18.82
N ASP A 63 18.70 -10.03 18.73
CA ASP A 63 19.43 -11.00 19.53
C ASP A 63 19.53 -10.60 21.00
N GLU A 64 19.70 -9.30 21.24
CA GLU A 64 19.79 -8.79 22.61
C GLU A 64 18.50 -8.20 23.18
N GLY A 65 17.41 -8.33 22.42
CA GLY A 65 16.10 -7.86 22.85
C GLY A 65 15.96 -6.38 23.18
N ILE A 66 16.55 -5.54 22.34
CA ILE A 66 16.50 -4.09 22.53
C ILE A 66 15.48 -3.44 21.59
N LEU A 67 14.74 -2.46 22.11
CA LEU A 67 13.77 -1.70 21.33
C LEU A 67 13.81 -0.28 21.86
N LEU A 68 14.24 0.66 21.03
CA LEU A 68 14.35 2.04 21.46
C LEU A 68 13.58 3.00 20.56
N HIS A 69 12.86 3.93 21.18
CA HIS A 69 12.10 4.95 20.44
C HIS A 69 12.76 6.30 20.72
N ARG A 70 13.53 6.77 19.75
CA ARG A 70 14.28 8.02 19.84
C ARG A 70 15.38 7.90 20.88
N GLY A 71 15.89 6.68 21.06
CA GLY A 71 16.96 6.45 21.99
C GLY A 71 16.52 5.99 23.36
N PHE A 72 15.22 6.00 23.62
CA PHE A 72 14.67 5.59 24.90
C PHE A 72 14.16 4.17 24.85
N PRO A 73 14.49 3.36 25.85
CA PRO A 73 14.06 1.95 25.96
C PRO A 73 12.54 1.85 26.09
N ILE A 74 11.94 0.94 25.32
CA ILE A 74 10.49 0.75 25.32
C ILE A 74 9.92 0.52 26.72
N ASP A 75 10.71 -0.08 27.60
CA ASP A 75 10.26 -0.34 28.97
C ASP A 75 9.92 0.93 29.71
N GLN A 76 10.93 1.80 29.82
CA GLN A 76 10.78 3.08 30.50
C GLN A 76 9.59 3.84 29.95
N LEU A 77 9.50 3.98 28.63
CA LEU A 77 8.39 4.66 27.98
C LEU A 77 7.03 4.11 28.41
N ALA A 78 6.87 2.79 28.35
CA ALA A 78 5.60 2.17 28.73
C ALA A 78 5.30 2.29 30.22
N THR A 79 6.35 2.34 31.03
CA THR A 79 6.18 2.44 32.49
C THR A 79 6.15 3.90 32.98
N ASP A 80 6.98 4.76 32.39
CA ASP A 80 7.08 6.18 32.76
C ASP A 80 6.27 7.17 31.92
N SER A 81 6.17 6.90 30.62
CA SER A 81 5.47 7.79 29.71
C SER A 81 4.01 7.41 29.50
N ASN A 82 3.38 7.99 28.47
CA ASN A 82 2.00 7.70 28.11
C ASN A 82 1.92 7.87 26.59
N TYR A 83 1.02 7.12 25.94
CA TYR A 83 0.89 7.17 24.48
C TYR A 83 1.13 8.52 23.83
N LEU A 84 0.38 9.55 24.25
CA LEU A 84 0.54 10.86 23.65
C LEU A 84 1.94 11.46 23.71
N GLU A 85 2.66 11.23 24.82
CA GLU A 85 4.02 11.75 24.94
C GLU A 85 4.92 10.99 23.99
N VAL A 86 4.65 9.70 23.83
CA VAL A 86 5.42 8.85 22.92
C VAL A 86 5.07 9.31 21.50
N CYS A 87 3.80 9.66 21.30
CA CYS A 87 3.34 10.18 20.03
C CYS A 87 4.19 11.41 19.75
N TYR A 88 4.29 12.29 20.75
CA TYR A 88 5.09 13.52 20.63
C TYR A 88 6.56 13.25 20.31
N ILE A 89 7.15 12.32 21.05
CA ILE A 89 8.57 11.93 20.91
C ILE A 89 8.89 11.29 19.57
N LEU A 90 8.06 10.36 19.13
CA LEU A 90 8.32 9.69 17.85
C LEU A 90 8.39 10.70 16.73
N LEU A 91 7.32 11.48 16.62
CA LEU A 91 7.19 12.49 15.58
C LEU A 91 8.21 13.65 15.67
N ASN A 92 8.48 14.12 16.89
CA ASN A 92 9.40 15.23 17.10
C ASN A 92 10.87 14.91 17.42
N GLY A 93 11.15 13.68 17.83
CA GLY A 93 12.51 13.26 18.13
C GLY A 93 13.03 13.59 19.52
N GLU A 94 12.30 14.43 20.24
CA GLU A 94 12.68 14.85 21.58
C GLU A 94 11.46 14.80 22.46
N LYS A 95 11.68 14.67 23.77
CA LYS A 95 10.57 14.63 24.70
C LYS A 95 9.99 16.03 24.80
N PRO A 96 8.67 16.12 25.07
CA PRO A 96 7.95 17.39 25.19
C PRO A 96 8.07 18.10 26.54
N THR A 97 8.14 19.43 26.47
CA THR A 97 8.19 20.26 27.67
C THR A 97 6.71 20.25 28.08
N GLN A 98 6.40 20.61 29.31
CA GLN A 98 5.00 20.61 29.73
C GLN A 98 4.20 21.47 28.77
N GLU A 99 4.73 22.65 28.46
CA GLU A 99 4.05 23.57 27.55
C GLU A 99 3.83 23.00 26.16
N GLN A 100 4.82 22.27 25.65
CA GLN A 100 4.72 21.66 24.31
C GLN A 100 3.76 20.47 24.36
N TYR A 101 3.71 19.81 25.53
CA TYR A 101 2.83 18.68 25.73
C TYR A 101 1.40 19.17 25.73
N ASP A 102 1.17 20.26 26.46
CA ASP A 102 -0.17 20.87 26.54
C ASP A 102 -0.64 21.16 25.13
N GLU A 103 0.23 21.82 24.38
CA GLU A 103 0.00 22.21 23.00
C GLU A 103 -0.38 21.02 22.12
N PHE A 104 0.45 19.98 22.15
CA PHE A 104 0.24 18.77 21.37
C PHE A 104 -1.02 18.00 21.80
N LYS A 105 -1.21 17.84 23.09
CA LYS A 105 -2.38 17.12 23.59
C LYS A 105 -3.66 17.84 23.20
N THR A 106 -3.62 19.16 23.24
CA THR A 106 -4.78 19.97 22.89
C THR A 106 -5.10 19.89 21.41
N THR A 107 -4.11 19.58 20.58
CA THR A 107 -4.36 19.49 19.15
C THR A 107 -5.02 18.16 18.77
N VAL A 108 -4.61 17.08 19.43
CA VAL A 108 -5.18 15.78 19.16
C VAL A 108 -6.63 15.78 19.63
N THR A 109 -6.84 16.31 20.84
CA THR A 109 -8.16 16.42 21.45
C THR A 109 -9.13 17.23 20.59
N ARG A 110 -8.63 18.40 20.15
CA ARG A 110 -9.41 19.33 19.33
C ARG A 110 -9.93 18.80 18.00
N HIS A 111 -9.50 17.62 17.56
CA HIS A 111 -9.93 17.10 16.26
C HIS A 111 -10.37 15.64 16.24
N THR A 112 -10.93 15.18 17.35
CA THR A 112 -11.37 13.80 17.45
C THR A 112 -12.67 13.47 16.70
N MET A 113 -13.64 14.38 16.75
CA MET A 113 -14.90 14.16 16.06
C MET A 113 -14.60 14.24 14.57
N ILE A 114 -15.05 13.24 13.83
CA ILE A 114 -14.84 13.19 12.39
C ILE A 114 -16.04 13.81 11.68
N HIS A 115 -15.93 14.02 10.38
CA HIS A 115 -17.02 14.61 9.61
C HIS A 115 -18.24 13.71 9.70
N GLU A 116 -19.42 14.31 9.83
CA GLU A 116 -20.63 13.52 9.93
C GLU A 116 -20.89 12.74 8.65
N GLN A 117 -20.41 13.24 7.51
CA GLN A 117 -20.62 12.53 6.27
C GLN A 117 -19.83 11.23 6.29
N ILE A 118 -18.64 11.27 6.89
CA ILE A 118 -17.79 10.09 7.01
C ILE A 118 -18.50 9.11 7.91
N THR A 119 -19.20 9.64 8.91
CA THR A 119 -19.96 8.82 9.85
C THR A 119 -21.04 8.06 9.07
N ARG A 120 -21.43 8.60 7.93
CA ARG A 120 -22.44 7.96 7.10
C ARG A 120 -21.86 6.82 6.27
N LEU A 121 -20.54 6.65 6.32
CA LEU A 121 -19.92 5.55 5.57
C LEU A 121 -20.13 4.24 6.31
N PHE A 122 -20.04 4.30 7.65
CA PHE A 122 -20.22 3.11 8.49
C PHE A 122 -21.57 2.47 8.20
N HIS A 123 -22.56 3.31 7.93
CA HIS A 123 -23.91 2.86 7.66
C HIS A 123 -24.15 2.27 6.28
N ALA A 124 -23.10 2.19 5.47
CA ALA A 124 -23.19 1.62 4.14
C ALA A 124 -22.58 0.23 4.17
N PHE A 125 -21.91 -0.10 5.26
CA PHE A 125 -21.29 -1.42 5.47
C PHE A 125 -22.32 -2.36 6.08
N ARG A 126 -22.15 -3.65 5.85
CA ARG A 126 -23.08 -4.62 6.39
C ARG A 126 -22.85 -4.77 7.89
N ARG A 127 -23.91 -5.02 8.68
CA ARG A 127 -23.74 -5.15 10.12
C ARG A 127 -22.88 -6.35 10.43
N ASP A 128 -22.76 -7.25 9.45
CA ASP A 128 -21.98 -8.48 9.59
C ASP A 128 -20.56 -8.42 9.01
N SER A 129 -20.08 -7.22 8.72
CA SER A 129 -18.73 -7.05 8.17
C SER A 129 -17.69 -7.08 9.28
N HIS A 130 -16.62 -7.84 9.07
CA HIS A 130 -15.55 -7.91 10.07
C HIS A 130 -15.04 -6.50 10.32
N PRO A 131 -14.94 -6.08 11.60
CA PRO A 131 -14.47 -4.73 11.92
C PRO A 131 -13.22 -4.26 11.19
N MET A 132 -12.18 -5.08 11.11
CA MET A 132 -10.97 -4.65 10.41
C MET A 132 -11.25 -4.21 8.98
N ALA A 133 -12.05 -4.99 8.25
CA ALA A 133 -12.42 -4.68 6.87
C ALA A 133 -13.10 -3.32 6.78
N VAL A 134 -13.94 -3.02 7.76
CA VAL A 134 -14.66 -1.75 7.83
C VAL A 134 -13.65 -0.63 8.05
N MET A 135 -12.66 -0.90 8.90
CA MET A 135 -11.61 0.08 9.22
C MET A 135 -10.81 0.49 7.98
N CYS A 136 -10.32 -0.49 7.23
CA CYS A 136 -9.55 -0.25 6.01
C CYS A 136 -10.46 0.49 5.05
N GLY A 137 -11.74 0.16 5.10
CA GLY A 137 -12.73 0.81 4.25
C GLY A 137 -12.85 2.27 4.62
N ILE A 138 -13.07 2.55 5.90
CA ILE A 138 -13.20 3.92 6.39
C ILE A 138 -11.93 4.73 6.07
N THR A 139 -10.78 4.25 6.54
CA THR A 139 -9.48 4.91 6.33
C THR A 139 -9.12 5.11 4.86
N GLY A 140 -9.58 4.22 4.00
CA GLY A 140 -9.31 4.38 2.58
C GLY A 140 -10.30 5.36 1.97
N ALA A 141 -11.25 5.84 2.76
CA ALA A 141 -12.26 6.76 2.27
C ALA A 141 -12.03 8.19 2.75
N LEU A 142 -11.08 8.39 3.65
CA LEU A 142 -10.79 9.71 4.20
C LEU A 142 -10.31 10.75 3.19
N ALA A 143 -9.51 10.34 2.21
CA ALA A 143 -8.98 11.26 1.21
C ALA A 143 -10.05 12.06 0.46
N ALA A 144 -11.23 11.47 0.30
CA ALA A 144 -12.34 12.11 -0.41
C ALA A 144 -12.85 13.30 0.37
N PHE A 145 -12.85 13.15 1.69
CA PHE A 145 -13.31 14.18 2.61
C PHE A 145 -12.24 15.18 3.03
N TYR A 146 -11.01 14.71 3.19
CA TYR A 146 -9.90 15.56 3.59
C TYR A 146 -8.99 15.82 2.40
N HIS A 147 -9.59 16.45 1.38
CA HIS A 147 -8.94 16.79 0.12
C HIS A 147 -7.98 17.98 0.19
N ASP A 148 -7.98 18.67 1.33
CA ASP A 148 -7.11 19.83 1.53
C ASP A 148 -5.82 19.55 2.28
N SER A 149 -5.51 18.27 2.50
CA SER A 149 -4.28 17.88 3.20
C SER A 149 -3.68 16.67 2.49
N LEU A 150 -3.79 16.69 1.16
CA LEU A 150 -3.28 15.60 0.32
C LEU A 150 -1.95 15.91 -0.36
N ASP A 151 -1.52 17.17 -0.33
CA ASP A 151 -0.23 17.57 -0.95
C ASP A 151 0.86 17.07 -0.01
N VAL A 152 1.33 15.86 -0.28
CA VAL A 152 2.36 15.22 0.53
C VAL A 152 3.62 16.07 0.67
N ASN A 153 3.78 17.04 -0.24
CA ASN A 153 4.87 18.03 -0.21
C ASN A 153 4.70 19.32 0.57
N ASN A 154 3.47 19.69 0.92
CA ASN A 154 3.28 20.91 1.70
C ASN A 154 3.48 20.54 3.16
N PRO A 155 4.47 21.15 3.81
CA PRO A 155 4.74 20.86 5.22
C PRO A 155 3.51 21.02 6.11
N ARG A 156 2.72 22.05 5.84
CA ARG A 156 1.51 22.30 6.60
C ARG A 156 0.49 21.18 6.38
N HIS A 157 0.46 20.63 5.18
CA HIS A 157 -0.45 19.54 4.85
C HIS A 157 -0.10 18.29 5.64
N ARG A 158 1.19 18.04 5.82
CA ARG A 158 1.61 16.87 6.56
C ARG A 158 1.23 16.96 8.03
N GLU A 159 1.30 18.16 8.58
CA GLU A 159 0.96 18.40 9.98
C GLU A 159 -0.51 18.12 10.25
N ILE A 160 -1.36 18.47 9.29
CA ILE A 160 -2.80 18.25 9.39
C ILE A 160 -3.10 16.75 9.24
N ALA A 161 -2.53 16.15 8.21
CA ALA A 161 -2.69 14.73 7.91
C ALA A 161 -2.19 13.86 9.05
N ALA A 162 -1.28 14.41 9.85
CA ALA A 162 -0.75 13.65 10.96
C ALA A 162 -1.76 13.70 12.08
N PHE A 163 -2.08 14.93 12.50
CA PHE A 163 -3.02 15.16 13.58
C PHE A 163 -4.39 14.55 13.37
N ARG A 164 -4.90 14.60 12.14
CA ARG A 164 -6.20 14.00 11.86
C ARG A 164 -6.15 12.53 12.24
N LEU A 165 -5.35 11.76 11.49
CA LEU A 165 -5.20 10.33 11.74
C LEU A 165 -4.96 10.03 13.20
N LEU A 166 -4.03 10.74 13.81
CA LEU A 166 -3.71 10.55 15.21
C LEU A 166 -4.91 10.76 16.16
N SER A 167 -5.80 11.69 15.79
CA SER A 167 -6.98 12.01 16.60
C SER A 167 -8.23 11.20 16.29
N LYS A 168 -8.48 10.96 15.00
CA LYS A 168 -9.68 10.26 14.56
C LYS A 168 -9.63 8.74 14.47
N MET A 169 -8.43 8.18 14.51
CA MET A 169 -8.29 6.73 14.42
C MET A 169 -9.01 5.97 15.51
N PRO A 170 -8.73 6.27 16.80
CA PRO A 170 -9.42 5.54 17.86
C PRO A 170 -10.94 5.80 17.78
N THR A 171 -11.30 6.93 17.18
CA THR A 171 -12.70 7.31 17.01
C THR A 171 -13.35 6.40 15.96
N MET A 172 -12.61 6.11 14.89
CA MET A 172 -13.11 5.25 13.82
C MET A 172 -13.06 3.78 14.22
N ALA A 173 -12.18 3.47 15.16
CA ALA A 173 -12.02 2.10 15.67
C ALA A 173 -13.18 1.72 16.61
N ALA A 174 -13.52 2.63 17.51
CA ALA A 174 -14.61 2.41 18.45
C ALA A 174 -15.95 2.43 17.72
N MET A 175 -16.00 3.03 16.54
CA MET A 175 -17.23 3.09 15.75
C MET A 175 -17.37 1.79 14.97
N CYS A 176 -16.25 1.20 14.58
CA CYS A 176 -16.25 -0.07 13.86
C CYS A 176 -16.76 -1.18 14.79
N TYR A 177 -16.56 -0.97 16.08
CA TYR A 177 -17.01 -1.91 17.11
C TYR A 177 -18.49 -1.71 17.42
N LYS A 178 -18.89 -0.47 17.70
CA LYS A 178 -20.29 -0.15 18.02
C LYS A 178 -21.18 -0.58 16.87
N TYR A 179 -20.67 -0.44 15.66
CA TYR A 179 -21.42 -0.79 14.48
C TYR A 179 -21.66 -2.29 14.41
N SER A 180 -20.58 -3.08 14.46
CA SER A 180 -20.67 -4.54 14.36
C SER A 180 -21.48 -5.23 15.46
N ILE A 181 -22.03 -4.46 16.40
CA ILE A 181 -22.83 -5.05 17.48
C ILE A 181 -24.18 -4.34 17.65
N GLY A 182 -24.50 -3.44 16.74
CA GLY A 182 -25.78 -2.77 16.81
C GLY A 182 -26.00 -1.83 17.98
N GLN A 183 -24.93 -1.19 18.43
CA GLN A 183 -24.98 -0.23 19.51
C GLN A 183 -24.65 1.14 18.93
N PRO A 184 -25.27 2.20 19.46
CA PRO A 184 -25.02 3.55 18.96
C PRO A 184 -23.58 4.00 19.13
N PHE A 185 -23.13 4.86 18.22
CA PHE A 185 -21.77 5.41 18.26
C PHE A 185 -21.70 6.39 19.40
N VAL A 186 -20.51 6.60 19.92
CA VAL A 186 -20.29 7.53 21.01
C VAL A 186 -19.39 8.65 20.49
N TYR A 187 -19.75 9.90 20.78
CA TYR A 187 -18.93 11.04 20.34
C TYR A 187 -17.74 11.17 21.25
N PRO A 188 -16.66 11.79 20.75
CA PRO A 188 -15.50 11.94 21.61
C PRO A 188 -15.88 12.88 22.75
N ARG A 189 -15.08 12.86 23.82
CA ARG A 189 -15.31 13.71 24.98
C ARG A 189 -13.98 14.32 25.39
N ASN A 190 -13.90 15.64 25.26
CA ASN A 190 -12.69 16.37 25.58
C ASN A 190 -12.20 16.23 27.01
N ASP A 191 -13.11 16.00 27.95
CA ASP A 191 -12.74 15.85 29.35
C ASP A 191 -12.00 14.54 29.64
N LEU A 192 -12.22 13.56 28.76
CA LEU A 192 -11.59 12.25 28.89
C LEU A 192 -10.20 12.23 28.27
N SER A 193 -9.40 11.27 28.73
CA SER A 193 -8.02 11.07 28.24
C SER A 193 -8.07 10.34 26.90
N TYR A 194 -6.92 10.14 26.27
CA TYR A 194 -6.89 9.43 25.01
C TYR A 194 -7.37 7.97 25.19
N ALA A 195 -6.86 7.30 26.20
CA ALA A 195 -7.22 5.90 26.50
C ALA A 195 -8.60 5.78 27.12
N GLY A 196 -8.84 6.58 28.15
CA GLY A 196 -10.12 6.57 28.82
C GLY A 196 -11.24 6.91 27.85
N ASN A 197 -10.97 7.83 26.92
CA ASN A 197 -11.97 8.22 25.93
C ASN A 197 -12.23 7.07 24.98
N PHE A 198 -11.17 6.41 24.52
CA PHE A 198 -11.35 5.27 23.63
C PHE A 198 -12.15 4.19 24.35
N LEU A 199 -11.94 4.08 25.65
CA LEU A 199 -12.67 3.09 26.41
C LEU A 199 -14.11 3.50 26.44
N ASN A 200 -14.36 4.80 26.62
CA ASN A 200 -15.73 5.32 26.67
C ASN A 200 -16.43 5.18 25.33
N MET A 201 -15.73 5.50 24.25
CA MET A 201 -16.33 5.39 22.93
C MET A 201 -16.59 3.95 22.57
N MET A 202 -15.78 3.06 23.13
CA MET A 202 -15.87 1.62 22.88
C MET A 202 -17.02 0.93 23.59
N PHE A 203 -17.26 1.30 24.84
CA PHE A 203 -18.26 0.60 25.63
C PHE A 203 -19.54 1.31 26.07
N SER A 204 -19.47 2.57 26.44
CA SER A 204 -20.65 3.28 26.91
C SER A 204 -21.84 3.34 25.95
N THR A 205 -23.03 3.46 26.53
CA THR A 205 -24.29 3.57 25.79
C THR A 205 -25.01 4.77 26.36
N PRO A 206 -26.12 5.17 25.74
CA PRO A 206 -26.95 6.32 26.18
C PRO A 206 -27.84 5.96 27.37
N CYS A 207 -27.84 4.67 27.72
CA CYS A 207 -28.66 4.13 28.80
C CYS A 207 -28.12 4.29 30.22
N GLU A 208 -26.80 4.27 30.38
CA GLU A 208 -26.21 4.41 31.71
C GLU A 208 -24.87 5.14 31.72
N PRO A 209 -24.49 5.72 32.87
CA PRO A 209 -23.21 6.44 33.00
C PRO A 209 -22.13 5.39 33.00
N TYR A 210 -21.11 5.60 32.18
CA TYR A 210 -20.01 4.65 32.09
C TYR A 210 -18.85 4.99 33.03
N GLU A 211 -18.37 3.99 33.75
CA GLU A 211 -17.27 4.16 34.69
C GLU A 211 -15.95 3.71 34.05
N VAL A 212 -15.03 4.66 33.89
CA VAL A 212 -13.72 4.35 33.31
C VAL A 212 -12.75 3.93 34.39
N ASN A 213 -12.54 2.61 34.54
CA ASN A 213 -11.62 2.08 35.54
C ASN A 213 -10.21 2.56 35.20
N PRO A 214 -9.55 3.23 36.16
CA PRO A 214 -8.19 3.78 36.00
C PRO A 214 -7.17 2.69 35.66
N ILE A 215 -7.42 1.48 36.18
CA ILE A 215 -6.55 0.34 35.94
C ILE A 215 -6.60 -0.06 34.47
N LEU A 216 -7.81 -0.07 33.92
CA LEU A 216 -8.03 -0.42 32.53
C LEU A 216 -7.56 0.72 31.66
N GLU A 217 -7.78 1.94 32.14
CA GLU A 217 -7.38 3.16 31.45
C GLU A 217 -5.87 3.15 31.16
N ARG A 218 -5.08 2.89 32.19
CA ARG A 218 -3.63 2.83 32.06
C ARG A 218 -3.21 1.60 31.24
N ALA A 219 -3.85 0.46 31.51
CA ALA A 219 -3.58 -0.77 30.79
C ALA A 219 -3.72 -0.50 29.28
N MET A 220 -4.89 -0.02 28.87
CA MET A 220 -5.15 0.29 27.46
C MET A 220 -4.08 1.21 26.92
N ASP A 221 -3.77 2.25 27.69
CA ASP A 221 -2.75 3.22 27.33
C ASP A 221 -1.46 2.46 27.04
N ARG A 222 -1.07 1.57 27.97
CA ARG A 222 0.15 0.77 27.80
C ARG A 222 0.14 -0.05 26.53
N ILE A 223 -1.03 -0.60 26.17
CA ILE A 223 -1.13 -1.40 24.95
C ILE A 223 -0.77 -0.50 23.79
N LEU A 224 -1.19 0.75 23.87
CA LEU A 224 -0.92 1.71 22.81
C LEU A 224 0.55 2.09 22.67
N ILE A 225 1.21 2.43 23.77
CA ILE A 225 2.63 2.78 23.73
C ILE A 225 3.43 1.60 23.18
N LEU A 226 3.08 0.40 23.64
CA LEU A 226 3.74 -0.84 23.25
C LEU A 226 3.50 -1.30 21.82
N HIS A 227 2.55 -0.66 21.13
CA HIS A 227 2.25 -1.00 19.73
C HIS A 227 2.48 0.20 18.79
N ALA A 228 3.10 1.25 19.32
CA ALA A 228 3.35 2.46 18.56
C ALA A 228 4.19 2.30 17.28
N ASP A 229 5.39 1.78 17.43
CA ASP A 229 6.26 1.56 16.29
C ASP A 229 7.11 0.33 16.47
N HIS A 230 7.58 -0.20 15.34
CA HIS A 230 8.39 -1.40 15.38
C HIS A 230 9.31 -1.47 14.17
N GLU A 231 10.07 -0.39 13.95
CA GLU A 231 11.03 -0.32 12.87
C GLU A 231 10.43 -0.55 11.47
N GLN A 232 11.27 -0.98 10.54
CA GLN A 232 10.89 -1.23 9.14
C GLN A 232 10.24 -2.58 8.86
N ASN A 233 9.12 -2.88 9.51
CA ASN A 233 8.50 -4.17 9.24
C ASN A 233 7.72 -4.12 7.92
N ALA A 234 6.90 -5.14 7.68
CA ALA A 234 6.12 -5.24 6.46
C ALA A 234 5.15 -4.07 6.24
N SER A 235 4.32 -3.77 7.24
CA SER A 235 3.37 -2.68 7.11
C SER A 235 4.11 -1.34 7.00
N THR A 236 5.12 -1.14 7.84
CA THR A 236 5.89 0.10 7.79
C THR A 236 6.65 0.24 6.45
N SER A 237 6.90 -0.89 5.79
CA SER A 237 7.57 -0.88 4.50
C SER A 237 6.56 -0.48 3.41
N THR A 238 5.39 -1.10 3.45
CA THR A 238 4.32 -0.81 2.49
C THR A 238 4.01 0.69 2.52
N VAL A 239 3.87 1.24 3.73
CA VAL A 239 3.58 2.66 3.94
C VAL A 239 4.63 3.53 3.29
N ARG A 240 5.89 3.19 3.51
CA ARG A 240 6.99 3.95 2.95
C ARG A 240 7.02 3.82 1.45
N THR A 241 6.93 2.59 0.94
CA THR A 241 6.97 2.35 -0.49
C THR A 241 5.84 3.07 -1.22
N ALA A 242 4.63 2.90 -0.70
CA ALA A 242 3.45 3.52 -1.27
C ALA A 242 3.61 5.02 -1.14
N GLY A 243 4.19 5.46 -0.03
CA GLY A 243 4.40 6.87 0.21
C GLY A 243 5.41 7.53 -0.68
N SER A 244 6.52 6.85 -0.96
CA SER A 244 7.58 7.38 -1.82
C SER A 244 7.06 7.61 -3.23
N SER A 245 5.82 7.19 -3.46
CA SER A 245 5.18 7.35 -4.75
C SER A 245 4.04 8.38 -4.71
N GLY A 246 4.25 9.43 -3.91
CA GLY A 246 3.28 10.49 -3.77
C GLY A 246 1.98 10.19 -3.03
N ALA A 247 1.63 8.91 -2.85
CA ALA A 247 0.38 8.54 -2.18
C ALA A 247 0.05 9.43 -0.99
N ASN A 248 -1.21 9.87 -0.89
CA ASN A 248 -1.62 10.73 0.22
C ASN A 248 -1.58 9.95 1.52
N PRO A 249 -1.26 10.65 2.62
CA PRO A 249 -1.15 10.06 3.96
C PRO A 249 -2.28 9.12 4.38
N PHE A 250 -3.49 9.40 3.94
CA PHE A 250 -4.67 8.58 4.28
C PHE A 250 -4.67 7.22 3.57
N ALA A 251 -4.01 7.18 2.42
CA ALA A 251 -3.88 5.98 1.61
C ALA A 251 -2.73 5.10 2.16
N CYS A 252 -1.62 5.75 2.51
CA CYS A 252 -0.48 5.05 3.08
C CYS A 252 -0.88 4.33 4.35
N ILE A 253 -1.58 5.01 5.25
CA ILE A 253 -2.00 4.36 6.49
C ILE A 253 -2.97 3.20 6.23
N ALA A 254 -3.84 3.35 5.23
CA ALA A 254 -4.80 2.29 4.88
C ALA A 254 -4.08 1.01 4.40
N ALA A 255 -3.02 1.16 3.61
CA ALA A 255 -2.26 0.00 3.14
C ALA A 255 -1.42 -0.54 4.30
N GLY A 256 -1.06 0.35 5.22
CA GLY A 256 -0.30 -0.07 6.38
C GLY A 256 -1.23 -0.92 7.23
N ILE A 257 -2.49 -0.48 7.39
CA ILE A 257 -3.48 -1.24 8.14
C ILE A 257 -3.69 -2.61 7.49
N ALA A 258 -3.99 -2.62 6.19
CA ALA A 258 -4.19 -3.87 5.44
C ALA A 258 -2.95 -4.75 5.52
N SER A 259 -1.79 -4.14 5.32
CA SER A 259 -0.52 -4.85 5.40
C SER A 259 -0.37 -5.48 6.77
N LEU A 260 -0.88 -4.79 7.78
CA LEU A 260 -0.80 -5.30 9.14
C LEU A 260 -1.66 -6.52 9.41
N TRP A 261 -2.90 -6.60 8.92
CA TRP A 261 -3.64 -7.82 9.26
C TRP A 261 -3.60 -8.86 8.15
N GLY A 262 -2.73 -8.65 7.16
CA GLY A 262 -2.62 -9.60 6.07
C GLY A 262 -2.46 -11.03 6.54
N PRO A 263 -1.52 -11.30 7.47
CA PRO A 263 -1.27 -12.64 8.01
C PRO A 263 -2.48 -13.28 8.71
N ALA A 264 -3.49 -12.46 9.00
CA ALA A 264 -4.71 -12.93 9.66
C ALA A 264 -5.59 -13.70 8.68
N HIS A 265 -6.28 -12.97 7.80
CA HIS A 265 -7.15 -13.61 6.82
C HIS A 265 -6.35 -14.45 5.84
N GLY A 266 -5.15 -14.00 5.51
CA GLY A 266 -4.29 -14.69 4.58
C GLY A 266 -3.77 -16.06 4.99
N GLY A 267 -4.37 -16.67 6.01
CA GLY A 267 -3.94 -17.97 6.46
C GLY A 267 -4.78 -19.08 5.87
N ALA A 268 -6.10 -18.89 5.96
CA ALA A 268 -7.14 -19.79 5.46
C ALA A 268 -8.40 -19.49 6.26
N ASN A 269 -9.55 -19.82 5.69
CA ASN A 269 -10.83 -19.60 6.35
C ASN A 269 -10.85 -20.41 7.65
N GLU A 270 -9.99 -21.43 7.68
CA GLU A 270 -9.78 -22.27 8.84
C GLU A 270 -8.31 -22.67 9.07
N ALA A 271 -7.38 -21.71 9.02
CA ALA A 271 -5.95 -22.04 9.22
C ALA A 271 -5.70 -22.23 10.71
N ALA A 272 -6.00 -21.18 11.47
CA ALA A 272 -5.86 -21.19 12.93
C ALA A 272 -7.29 -21.24 13.46
N LEU A 273 -8.22 -21.65 12.60
CA LEU A 273 -9.64 -21.73 12.92
C LEU A 273 -10.21 -23.14 12.73
N LYS A 274 -9.47 -23.98 12.00
CA LYS A 274 -9.89 -25.35 11.73
C LYS A 274 -10.17 -26.14 12.99
N MET A 275 -9.17 -26.23 13.86
CA MET A 275 -9.28 -26.95 15.13
C MET A 275 -10.20 -26.22 16.10
N LEU A 276 -10.46 -24.95 15.85
CA LEU A 276 -11.35 -24.16 16.71
C LEU A 276 -12.78 -24.66 16.48
N GLU A 277 -12.90 -25.61 15.55
CA GLU A 277 -14.15 -26.24 15.19
C GLU A 277 -14.15 -27.67 15.74
N GLU A 278 -12.96 -28.22 15.94
CA GLU A 278 -12.81 -29.58 16.46
C GLU A 278 -12.77 -29.59 18.00
N ILE A 279 -13.40 -28.59 18.61
CA ILE A 279 -13.46 -28.47 20.06
C ILE A 279 -14.80 -29.05 20.57
N SER A 280 -15.60 -29.57 19.64
CA SER A 280 -16.89 -30.15 19.98
C SER A 280 -16.92 -31.68 19.85
N SER A 281 -15.92 -32.23 19.17
CA SER A 281 -15.82 -33.67 18.97
C SER A 281 -14.77 -34.32 19.87
N VAL A 282 -13.68 -33.60 20.13
CA VAL A 282 -12.60 -34.11 20.97
C VAL A 282 -12.42 -33.30 22.26
N LYS A 283 -13.52 -32.76 22.77
CA LYS A 283 -13.51 -31.96 23.99
C LYS A 283 -13.37 -32.78 25.27
N HIS A 284 -12.99 -34.05 25.11
CA HIS A 284 -12.82 -34.94 26.24
C HIS A 284 -11.65 -34.49 27.14
N ILE A 285 -10.67 -33.83 26.54
CA ILE A 285 -9.51 -33.32 27.27
C ILE A 285 -9.63 -31.78 27.25
N PRO A 286 -9.71 -31.15 28.43
CA PRO A 286 -9.84 -29.70 28.62
C PRO A 286 -8.69 -28.76 28.25
N GLU A 287 -7.89 -29.16 27.27
CA GLU A 287 -6.79 -28.31 26.79
C GLU A 287 -6.26 -28.76 25.44
N PHE A 288 -5.74 -29.98 25.37
CA PHE A 288 -5.19 -30.50 24.12
C PHE A 288 -6.20 -30.73 23.01
N PHE A 289 -7.41 -30.24 23.23
CA PHE A 289 -8.46 -30.28 22.22
C PHE A 289 -8.30 -28.86 21.65
N ARG A 290 -8.63 -28.61 20.39
CA ARG A 290 -8.46 -27.22 19.97
C ARG A 290 -7.04 -26.65 20.13
N ARG A 291 -6.97 -25.39 20.53
CA ARG A 291 -5.74 -24.58 20.63
C ARG A 291 -4.64 -25.00 21.62
N ALA A 292 -4.38 -26.29 21.62
CA ALA A 292 -3.29 -26.91 22.39
C ALA A 292 -2.75 -27.98 21.43
N LYS A 293 -3.64 -28.39 20.53
CA LYS A 293 -3.40 -29.39 19.50
C LYS A 293 -3.58 -28.73 18.13
N ASP A 294 -4.14 -27.52 18.17
CA ASP A 294 -4.43 -26.70 16.98
C ASP A 294 -3.25 -26.47 16.04
N LYS A 295 -2.23 -25.78 16.55
CA LYS A 295 -1.06 -25.42 15.77
C LYS A 295 -0.22 -26.52 15.12
N ASN A 296 -0.68 -26.94 13.95
CA ASN A 296 0.03 -27.92 13.12
C ASN A 296 0.92 -27.02 12.28
N ASP A 297 0.39 -25.83 12.03
CA ASP A 297 1.05 -24.75 11.30
C ASP A 297 1.00 -23.63 12.35
N SER A 298 2.02 -23.58 13.20
CA SER A 298 2.12 -22.59 14.28
C SER A 298 1.99 -21.13 13.86
N PHE A 299 1.56 -20.29 14.79
CA PHE A 299 1.37 -18.87 14.52
C PHE A 299 1.82 -17.96 15.66
N ARG A 300 2.39 -16.81 15.31
CA ARG A 300 2.83 -15.82 16.30
C ARG A 300 1.65 -14.88 16.49
N LEU A 301 0.62 -15.11 15.67
CA LEU A 301 -0.62 -14.35 15.70
C LEU A 301 -1.37 -14.81 16.94
N MET A 302 -1.08 -16.04 17.35
CA MET A 302 -1.69 -16.62 18.54
C MET A 302 -0.99 -16.05 19.79
N GLY A 303 0.06 -15.26 19.55
CA GLY A 303 0.80 -14.62 20.62
C GLY A 303 2.09 -15.32 21.01
N PHE A 304 2.52 -16.26 20.17
CA PHE A 304 3.73 -17.03 20.44
C PHE A 304 4.88 -16.76 19.49
N GLY A 305 6.05 -16.46 20.06
CA GLY A 305 7.23 -16.19 19.27
C GLY A 305 7.22 -14.90 18.46
N HIS A 306 8.33 -14.63 17.79
CA HIS A 306 8.47 -13.46 16.93
C HIS A 306 9.84 -13.47 16.24
N ARG A 307 9.80 -13.40 14.90
CA ARG A 307 10.99 -13.40 14.06
C ARG A 307 12.05 -12.36 14.40
N VAL A 308 11.63 -11.21 14.91
CA VAL A 308 12.56 -10.13 15.27
C VAL A 308 13.42 -10.38 16.51
N TYR A 309 12.81 -10.89 17.58
CA TYR A 309 13.56 -11.16 18.82
C TYR A 309 13.87 -12.63 18.96
N LYS A 310 15.06 -12.92 19.48
CA LYS A 310 15.49 -14.29 19.64
C LYS A 310 14.95 -15.11 20.80
N ASN A 311 15.17 -14.64 22.03
CA ASN A 311 14.74 -15.34 23.24
C ASN A 311 13.46 -14.82 23.86
N TYR A 312 13.17 -13.55 23.62
CA TYR A 312 11.98 -12.91 24.19
C TYR A 312 11.63 -11.60 23.49
N ASP A 313 10.43 -11.11 23.76
CA ASP A 313 9.90 -9.87 23.20
C ASP A 313 9.89 -8.79 24.31
N PRO A 314 10.77 -7.77 24.19
CA PRO A 314 10.87 -6.68 25.17
C PRO A 314 9.58 -5.96 25.54
N ARG A 315 8.64 -5.86 24.59
CA ARG A 315 7.36 -5.19 24.81
C ARG A 315 6.46 -6.02 25.73
N ALA A 316 6.69 -7.33 25.75
CA ALA A 316 5.90 -8.22 26.58
C ALA A 316 6.18 -8.12 28.08
N THR A 317 7.31 -7.53 28.44
CA THR A 317 7.69 -7.40 29.85
C THR A 317 6.72 -6.49 30.63
N VAL A 318 6.47 -5.28 30.14
CA VAL A 318 5.55 -4.39 30.82
C VAL A 318 4.10 -4.75 30.50
N MET A 319 3.89 -5.59 29.49
CA MET A 319 2.54 -6.00 29.11
C MET A 319 2.10 -7.13 30.05
N ARG A 320 3.04 -7.98 30.46
CA ARG A 320 2.74 -9.07 31.37
C ARG A 320 2.33 -8.51 32.72
N GLU A 321 3.11 -7.55 33.21
CA GLU A 321 2.83 -6.92 34.51
C GLU A 321 1.46 -6.28 34.51
N THR A 322 1.16 -5.55 33.43
CA THR A 322 -0.12 -4.85 33.26
C THR A 322 -1.28 -5.84 33.31
N CYS A 323 -1.09 -6.93 32.59
CA CYS A 323 -2.05 -8.03 32.48
C CYS A 323 -2.35 -8.66 33.84
N HIS A 324 -1.45 -8.49 34.80
CA HIS A 324 -1.64 -9.04 36.13
C HIS A 324 -2.70 -8.29 36.93
N GLU A 325 -2.67 -6.96 36.83
CA GLU A 325 -3.63 -6.11 37.55
C GLU A 325 -5.03 -6.17 36.96
N VAL A 326 -5.09 -6.20 35.62
CA VAL A 326 -6.37 -6.24 34.91
C VAL A 326 -7.18 -7.44 35.34
N LEU A 327 -6.54 -8.59 35.41
CA LEU A 327 -7.20 -9.83 35.81
C LEU A 327 -7.56 -9.81 37.29
N LYS A 328 -6.73 -9.15 38.08
CA LYS A 328 -6.91 -9.04 39.53
C LYS A 328 -7.91 -7.93 39.87
N GLU A 329 -8.31 -7.19 38.85
CA GLU A 329 -9.25 -6.09 39.01
C GLU A 329 -10.66 -6.57 38.67
N LEU A 330 -10.77 -7.28 37.55
CA LEU A 330 -12.04 -7.80 37.07
C LEU A 330 -12.56 -8.99 37.88
N GLY A 331 -11.67 -9.60 38.66
CA GLY A 331 -12.02 -10.72 39.52
C GLY A 331 -12.92 -11.81 38.98
N THR A 332 -14.12 -11.93 39.56
CA THR A 332 -15.09 -12.95 39.20
C THR A 332 -15.74 -12.79 37.82
N LYS A 333 -14.89 -12.75 36.81
CA LYS A 333 -15.27 -12.68 35.41
C LYS A 333 -14.06 -13.14 34.61
N ASP A 334 -13.01 -13.50 35.34
CA ASP A 334 -11.74 -13.92 34.73
C ASP A 334 -11.21 -15.25 35.26
N ASP A 335 -11.89 -15.82 36.25
CA ASP A 335 -11.46 -17.09 36.83
C ASP A 335 -11.50 -18.22 35.80
N LEU A 336 -12.41 -18.11 34.84
CA LEU A 336 -12.53 -19.10 33.76
C LEU A 336 -11.35 -18.92 32.80
N LEU A 337 -10.90 -17.68 32.67
CA LEU A 337 -9.77 -17.33 31.82
C LEU A 337 -8.51 -17.67 32.61
N GLU A 338 -8.42 -18.95 32.95
CA GLU A 338 -7.34 -19.58 33.71
C GLU A 338 -6.42 -20.29 32.71
N VAL A 339 -6.81 -20.28 31.45
CA VAL A 339 -6.06 -20.92 30.36
C VAL A 339 -4.81 -20.13 29.97
N ALA A 340 -4.81 -18.83 30.27
CA ALA A 340 -3.67 -17.96 29.96
C ALA A 340 -2.45 -18.51 30.67
N MET A 341 -2.64 -18.97 31.91
CA MET A 341 -1.54 -19.56 32.66
C MET A 341 -1.12 -20.88 32.03
N GLU A 342 -2.09 -21.75 31.79
CA GLU A 342 -1.82 -23.04 31.20
C GLU A 342 -1.06 -22.85 29.90
N LEU A 343 -1.58 -21.97 29.05
CA LEU A 343 -0.95 -21.68 27.77
C LEU A 343 0.46 -21.14 27.96
N GLU A 344 0.64 -20.27 28.95
CA GLU A 344 1.97 -19.74 29.20
C GLU A 344 2.90 -20.87 29.65
N ASN A 345 2.42 -21.72 30.54
CA ASN A 345 3.22 -22.84 31.02
C ASN A 345 3.65 -23.72 29.86
N ILE A 346 2.72 -24.00 28.95
CA ILE A 346 3.00 -24.82 27.78
C ILE A 346 4.17 -24.25 26.97
N ALA A 347 4.08 -22.96 26.64
CA ALA A 347 5.11 -22.28 25.87
C ALA A 347 6.47 -22.33 26.56
N LEU A 348 6.45 -22.23 27.89
CA LEU A 348 7.68 -22.24 28.69
C LEU A 348 8.30 -23.62 28.88
N ASN A 349 7.49 -24.67 28.76
CA ASN A 349 8.00 -26.01 29.00
C ASN A 349 7.89 -27.07 27.91
N ASP A 350 6.87 -26.98 27.06
CA ASP A 350 6.73 -27.98 26.00
C ASP A 350 8.00 -28.00 25.18
N PRO A 351 8.64 -29.17 25.05
CA PRO A 351 9.87 -29.28 24.27
C PRO A 351 9.76 -28.64 22.90
N TYR A 352 8.59 -28.76 22.27
CA TYR A 352 8.40 -28.17 20.94
C TYR A 352 8.49 -26.65 21.03
N PHE A 353 7.84 -26.08 22.06
CA PHE A 353 7.83 -24.64 22.29
C PHE A 353 9.19 -24.15 22.75
N ILE A 354 9.85 -24.96 23.56
CA ILE A 354 11.19 -24.63 24.05
C ILE A 354 12.10 -24.72 22.82
N GLU A 355 11.89 -25.78 22.04
CA GLU A 355 12.66 -26.03 20.83
C GLU A 355 12.58 -24.91 19.82
N LYS A 356 11.40 -24.69 19.26
CA LYS A 356 11.22 -23.67 18.25
C LYS A 356 11.03 -22.24 18.78
N LYS A 357 11.26 -22.06 20.09
CA LYS A 357 11.14 -20.76 20.74
C LYS A 357 9.81 -20.01 20.59
N LEU A 358 8.70 -20.71 20.80
CA LEU A 358 7.40 -20.08 20.71
C LEU A 358 7.07 -19.44 22.04
N TYR A 359 7.90 -18.48 22.44
CA TYR A 359 7.71 -17.76 23.70
C TYR A 359 6.52 -16.80 23.59
N PRO A 360 5.97 -16.37 24.74
CA PRO A 360 4.83 -15.45 24.68
C PRO A 360 5.35 -14.07 24.27
N ASN A 361 4.60 -13.38 23.41
CA ASN A 361 5.01 -12.04 22.99
C ASN A 361 3.99 -11.02 23.52
N VAL A 362 4.26 -9.74 23.30
CA VAL A 362 3.40 -8.66 23.77
C VAL A 362 1.91 -8.90 23.47
N ASP A 363 1.64 -9.57 22.35
CA ASP A 363 0.26 -9.84 21.94
C ASP A 363 -0.43 -10.88 22.79
N PHE A 364 0.34 -11.86 23.28
CA PHE A 364 -0.19 -12.89 24.16
C PHE A 364 -0.78 -12.12 25.33
N TYR A 365 0.06 -11.32 25.98
CA TYR A 365 -0.36 -10.53 27.12
C TYR A 365 -1.38 -9.44 26.79
N SER A 366 -1.40 -8.96 25.55
CA SER A 366 -2.38 -7.95 25.15
C SER A 366 -3.73 -8.64 24.94
N GLY A 367 -3.70 -9.79 24.27
CA GLY A 367 -4.92 -10.54 23.99
C GLY A 367 -5.69 -10.82 25.27
N ILE A 368 -4.97 -11.25 26.30
CA ILE A 368 -5.56 -11.54 27.60
C ILE A 368 -6.19 -10.30 28.20
N ILE A 369 -5.45 -9.21 28.20
CA ILE A 369 -5.95 -7.95 28.72
C ILE A 369 -7.26 -7.57 28.03
N LEU A 370 -7.24 -7.53 26.69
CA LEU A 370 -8.40 -7.17 25.89
C LEU A 370 -9.51 -8.18 26.07
N LYS A 371 -9.16 -9.46 26.14
CA LYS A 371 -10.16 -10.51 26.33
C LYS A 371 -10.81 -10.34 27.69
N ALA A 372 -10.01 -10.03 28.70
CA ALA A 372 -10.54 -9.83 30.05
C ALA A 372 -11.44 -8.60 30.04
N MET A 373 -11.07 -7.62 29.22
CA MET A 373 -11.81 -6.35 29.07
C MET A 373 -13.12 -6.46 28.29
N GLY A 374 -13.27 -7.53 27.50
CA GLY A 374 -14.49 -7.71 26.73
C GLY A 374 -14.39 -7.44 25.23
N ILE A 375 -13.30 -6.79 24.82
CA ILE A 375 -13.08 -6.46 23.42
C ILE A 375 -12.88 -7.75 22.66
N PRO A 376 -13.68 -7.99 21.60
CA PRO A 376 -13.58 -9.21 20.81
C PRO A 376 -12.29 -9.32 20.02
N SER A 377 -11.96 -10.54 19.58
CA SER A 377 -10.76 -10.83 18.82
C SER A 377 -10.76 -10.15 17.47
N SER A 378 -11.95 -9.81 16.99
CA SER A 378 -12.07 -9.13 15.72
C SER A 378 -11.49 -7.73 15.82
N MET A 379 -11.51 -7.18 17.03
CA MET A 379 -11.01 -5.84 17.32
C MET A 379 -9.54 -5.74 17.68
N PHE A 380 -8.94 -6.85 18.08
CA PHE A 380 -7.53 -6.83 18.49
C PHE A 380 -6.64 -6.13 17.48
N THR A 381 -6.64 -6.59 16.23
CA THR A 381 -5.92 -5.95 15.14
C THR A 381 -6.29 -4.52 14.76
N VAL A 382 -7.54 -4.15 15.01
CA VAL A 382 -7.99 -2.79 14.73
C VAL A 382 -7.28 -1.91 15.75
N ILE A 383 -7.16 -2.40 16.99
CA ILE A 383 -6.48 -1.66 18.06
C ILE A 383 -4.96 -1.66 17.91
N ALA A 384 -4.42 -2.69 17.24
CA ALA A 384 -2.97 -2.73 17.02
C ALA A 384 -2.63 -1.63 16.04
N ALA A 385 -3.34 -1.60 14.92
CA ALA A 385 -3.15 -0.62 13.86
C ALA A 385 -3.49 0.77 14.37
N MET A 386 -4.53 0.85 15.20
CA MET A 386 -4.97 2.12 15.76
C MET A 386 -3.87 2.77 16.58
N ALA A 387 -3.09 1.96 17.28
CA ALA A 387 -1.96 2.45 18.07
C ALA A 387 -0.76 2.68 17.15
N ARG A 388 -0.58 1.75 16.23
CA ARG A 388 0.51 1.76 15.27
C ARG A 388 0.52 2.93 14.29
N THR A 389 -0.60 3.65 14.18
CA THR A 389 -0.73 4.80 13.26
C THR A 389 0.38 5.86 13.39
N VAL A 390 0.70 6.27 14.62
CA VAL A 390 1.76 7.27 14.83
C VAL A 390 3.09 6.77 14.28
N GLY A 391 3.36 5.47 14.48
CA GLY A 391 4.57 4.85 13.98
C GLY A 391 4.61 4.93 12.46
N TRP A 392 3.46 4.78 11.82
CA TRP A 392 3.38 4.88 10.37
C TRP A 392 3.56 6.34 9.95
N ILE A 393 2.94 7.27 10.68
CA ILE A 393 3.04 8.71 10.37
C ILE A 393 4.47 9.23 10.49
N ALA A 394 5.14 8.92 11.59
CA ALA A 394 6.51 9.34 11.81
C ALA A 394 7.38 8.85 10.66
N HIS A 395 7.34 7.54 10.41
CA HIS A 395 8.10 6.92 9.32
C HIS A 395 7.75 7.55 8.00
N TRP A 396 6.48 7.89 7.83
CA TRP A 396 6.00 8.53 6.61
C TRP A 396 6.62 9.93 6.54
N SER A 397 6.52 10.67 7.64
CA SER A 397 7.07 12.02 7.73
C SER A 397 8.56 12.03 7.42
N GLU A 398 9.34 11.25 8.16
CA GLU A 398 10.79 11.17 7.97
C GLU A 398 11.18 10.92 6.52
N MET A 399 10.45 10.02 5.88
CA MET A 399 10.69 9.67 4.49
C MET A 399 10.57 10.92 3.59
N HIS A 400 9.65 11.82 3.96
CA HIS A 400 9.43 13.06 3.20
C HIS A 400 10.39 14.19 3.53
N SER A 401 11.11 14.08 4.63
CA SER A 401 12.07 15.09 5.02
C SER A 401 13.42 14.71 4.42
N ASP A 402 13.73 13.41 4.43
CA ASP A 402 14.97 12.90 3.86
C ASP A 402 15.05 13.38 2.40
N GLY A 403 14.31 12.71 1.52
CA GLY A 403 14.30 13.09 0.12
C GLY A 403 13.23 12.40 -0.70
N MET A 404 12.40 11.61 -0.03
CA MET A 404 11.31 10.88 -0.68
C MET A 404 11.78 10.27 -1.99
N LYS A 405 12.70 9.33 -1.86
CA LYS A 405 13.27 8.60 -2.97
C LYS A 405 12.24 7.57 -3.47
N ILE A 406 11.64 7.87 -4.62
CA ILE A 406 10.62 7.01 -5.21
C ILE A 406 11.05 5.55 -5.32
N ALA A 407 10.14 4.65 -5.01
CA ALA A 407 10.40 3.22 -5.05
C ALA A 407 10.49 2.75 -6.51
N ARG A 408 11.71 2.48 -6.97
CA ARG A 408 11.94 2.01 -8.33
C ARG A 408 12.98 0.89 -8.35
N PRO A 409 12.64 -0.28 -7.79
CA PRO A 409 13.59 -1.40 -7.77
C PRO A 409 13.75 -2.03 -9.14
N ARG A 410 14.71 -2.93 -9.27
CA ARG A 410 14.97 -3.63 -10.52
C ARG A 410 14.36 -5.02 -10.48
N GLN A 411 14.52 -5.75 -11.59
CA GLN A 411 14.01 -7.11 -11.68
C GLN A 411 15.00 -7.94 -12.48
N LEU A 412 14.92 -9.26 -12.33
CA LEU A 412 15.75 -10.14 -13.10
C LEU A 412 14.73 -10.76 -14.05
N TYR A 413 14.65 -10.23 -15.26
CA TYR A 413 13.69 -10.74 -16.23
C TYR A 413 14.06 -12.15 -16.66
N THR A 414 13.06 -13.02 -16.71
CA THR A 414 13.32 -14.40 -17.11
C THR A 414 12.13 -14.99 -17.85
N GLY A 415 11.50 -14.16 -18.67
CA GLY A 415 10.37 -14.61 -19.45
C GLY A 415 10.81 -14.70 -20.90
N TYR A 416 9.86 -14.82 -21.81
CA TYR A 416 10.16 -14.91 -23.23
C TYR A 416 11.00 -13.75 -23.73
N GLU A 417 11.57 -13.95 -24.90
CA GLU A 417 12.37 -12.95 -25.57
C GLU A 417 11.37 -12.33 -26.54
N LYS A 418 11.73 -11.21 -27.16
CA LYS A 418 10.82 -10.57 -28.12
C LYS A 418 10.30 -11.60 -29.10
N ARG A 419 8.99 -11.80 -29.07
CA ARG A 419 8.32 -12.74 -29.95
C ARG A 419 7.18 -12.03 -30.65
N ASP A 420 6.81 -12.52 -31.82
CA ASP A 420 5.74 -11.93 -32.60
C ASP A 420 4.37 -12.44 -32.16
N PHE A 421 3.38 -11.55 -32.25
CA PHE A 421 2.01 -11.88 -31.87
C PHE A 421 1.17 -12.04 -33.12
N LYS A 422 0.43 -13.15 -33.19
CA LYS A 422 -0.43 -13.43 -34.34
C LYS A 422 -1.76 -13.93 -33.78
N SER A 423 -2.78 -13.08 -33.87
CA SER A 423 -4.11 -13.39 -33.36
C SER A 423 -4.49 -14.86 -33.53
N ASP A 424 -4.25 -15.63 -32.45
CA ASP A 424 -4.55 -17.05 -32.43
C ASP A 424 -6.08 -17.24 -32.52
N ILE A 425 -6.79 -16.41 -31.77
CA ILE A 425 -8.25 -16.43 -31.71
C ILE A 425 -8.81 -15.60 -32.85
N LYS A 426 -10.10 -15.30 -32.74
CA LYS A 426 -10.80 -14.48 -33.70
C LYS A 426 -12.14 -14.19 -33.04
N ARG A 427 -12.06 -13.31 -32.04
CA ARG A 427 -13.20 -12.88 -31.26
C ARG A 427 -12.74 -11.84 -30.26
N ALA B 2 28.34 -13.08 -22.40
CA ALA B 2 29.18 -14.01 -21.64
C ALA B 2 30.45 -13.33 -21.16
N ASP B 3 30.34 -12.56 -20.08
CA ASP B 3 31.46 -11.84 -19.49
C ASP B 3 31.64 -12.27 -18.03
N THR B 4 30.97 -11.54 -17.13
CA THR B 4 31.02 -11.81 -15.70
C THR B 4 29.87 -12.75 -15.31
N LYS B 5 29.46 -13.59 -16.26
CA LYS B 5 28.38 -14.56 -16.04
C LYS B 5 28.84 -15.67 -15.09
N ALA B 6 30.09 -15.58 -14.65
CA ALA B 6 30.67 -16.54 -13.74
C ALA B 6 30.37 -16.18 -12.28
N LYS B 7 31.14 -15.24 -11.73
CA LYS B 7 30.96 -14.83 -10.34
C LYS B 7 31.57 -13.47 -10.02
N LEU B 8 31.56 -13.13 -8.74
CA LEU B 8 32.10 -11.89 -8.22
C LEU B 8 32.44 -12.06 -6.75
N THR B 9 33.15 -11.09 -6.20
CA THR B 9 33.55 -11.13 -4.81
C THR B 9 33.50 -9.78 -4.13
N LEU B 10 32.97 -9.75 -2.93
CA LEU B 10 32.87 -8.52 -2.14
C LEU B 10 33.98 -8.60 -1.10
N ASN B 11 34.72 -7.51 -0.96
CA ASN B 11 35.82 -7.49 0.00
C ASN B 11 35.68 -6.34 0.98
N GLY B 12 35.64 -6.69 2.27
CA GLY B 12 35.55 -5.69 3.31
C GLY B 12 36.92 -5.60 3.96
N ASP B 13 37.51 -6.78 4.17
CA ASP B 13 38.84 -6.98 4.76
C ASP B 13 39.27 -8.41 4.44
N THR B 14 38.42 -9.09 3.67
CA THR B 14 38.60 -10.48 3.21
C THR B 14 37.64 -10.70 2.03
N ALA B 15 37.80 -11.81 1.31
CA ALA B 15 36.96 -12.12 0.15
C ALA B 15 35.63 -12.86 0.41
N VAL B 16 34.56 -12.35 -0.20
CA VAL B 16 33.23 -12.94 -0.08
C VAL B 16 32.69 -13.09 -1.51
N GLU B 17 32.64 -14.35 -1.99
CA GLU B 17 32.17 -14.65 -3.34
C GLU B 17 30.65 -14.65 -3.45
N LEU B 18 30.14 -14.04 -4.51
CA LEU B 18 28.69 -13.95 -4.73
C LEU B 18 28.32 -14.44 -6.12
N ASP B 19 27.13 -15.03 -6.27
CA ASP B 19 26.68 -15.52 -7.56
C ASP B 19 26.25 -14.36 -8.44
N VAL B 20 25.95 -14.66 -9.70
CA VAL B 20 25.49 -13.65 -10.64
C VAL B 20 24.46 -14.26 -11.60
N LEU B 21 23.21 -14.35 -11.12
CA LEU B 21 22.09 -14.92 -11.88
C LEU B 21 21.92 -14.16 -13.19
N LYS B 22 21.45 -14.86 -14.22
CA LYS B 22 21.26 -14.23 -15.52
C LYS B 22 19.83 -14.31 -16.04
N GLY B 23 19.36 -13.19 -16.58
CA GLY B 23 18.02 -13.14 -17.14
C GLY B 23 18.07 -13.36 -18.64
N THR B 24 16.95 -13.80 -19.21
CA THR B 24 16.88 -14.06 -20.64
C THR B 24 16.97 -12.75 -21.43
N LEU B 25 16.71 -11.64 -20.75
CA LEU B 25 16.76 -10.30 -21.35
C LEU B 25 17.28 -9.30 -20.32
N GLY B 26 17.86 -8.21 -20.81
CA GLY B 26 18.39 -7.18 -19.92
C GLY B 26 19.61 -7.54 -19.10
N GLN B 27 19.77 -6.85 -17.98
CA GLN B 27 20.90 -7.04 -17.07
C GLN B 27 20.76 -8.22 -16.13
N ASP B 28 21.91 -8.83 -15.81
CA ASP B 28 22.00 -9.95 -14.89
C ASP B 28 22.16 -9.33 -13.51
N VAL B 29 22.15 -10.14 -12.45
CA VAL B 29 22.28 -9.60 -11.10
C VAL B 29 23.22 -10.39 -10.19
N ILE B 30 23.60 -9.76 -9.09
CA ILE B 30 24.49 -10.36 -8.10
C ILE B 30 23.70 -10.90 -6.92
N ASP B 31 23.65 -12.22 -6.80
CA ASP B 31 22.93 -12.88 -5.72
C ASP B 31 23.51 -12.48 -4.36
N ILE B 32 22.77 -11.66 -3.61
CA ILE B 32 23.20 -11.21 -2.28
C ILE B 32 22.22 -11.63 -1.20
N ARG B 33 21.34 -12.56 -1.54
CA ARG B 33 20.32 -13.03 -0.60
C ARG B 33 20.84 -13.44 0.77
N THR B 34 21.86 -14.29 0.80
CA THR B 34 22.43 -14.76 2.05
C THR B 34 23.44 -13.82 2.69
N LEU B 35 23.63 -12.62 2.12
CA LEU B 35 24.58 -11.65 2.69
C LEU B 35 24.22 -11.32 4.13
N GLY B 36 22.92 -11.14 4.36
CA GLY B 36 22.44 -10.82 5.68
C GLY B 36 22.77 -11.87 6.72
N SER B 37 22.90 -13.13 6.29
CA SER B 37 23.23 -14.23 7.20
C SER B 37 24.70 -14.16 7.60
N LYS B 38 25.23 -12.93 7.57
CA LYS B 38 26.60 -12.62 7.92
C LYS B 38 26.68 -11.21 8.50
N GLY B 39 25.56 -10.48 8.43
CA GLY B 39 25.54 -9.12 8.95
C GLY B 39 25.85 -8.04 7.93
N VAL B 40 26.46 -8.44 6.82
CA VAL B 40 26.80 -7.48 5.78
C VAL B 40 25.57 -7.07 4.97
N PHE B 41 25.24 -5.78 5.02
CA PHE B 41 24.09 -5.22 4.30
C PHE B 41 24.51 -4.18 3.27
N THR B 42 23.59 -3.91 2.34
CA THR B 42 23.81 -2.91 1.29
C THR B 42 22.83 -1.76 1.54
N PHE B 43 23.25 -0.53 1.26
CA PHE B 43 22.43 0.65 1.45
C PHE B 43 21.91 1.09 0.09
N ASP B 44 20.61 1.31 -0.04
CA ASP B 44 20.08 1.73 -1.32
C ASP B 44 18.65 2.27 -1.26
N PRO B 45 18.50 3.55 -0.89
CA PRO B 45 17.16 4.10 -0.82
C PRO B 45 16.60 4.15 -2.24
N GLY B 46 15.37 3.66 -2.43
CA GLY B 46 14.76 3.69 -3.76
C GLY B 46 14.96 2.43 -4.59
N PHE B 47 15.91 1.60 -4.17
CA PHE B 47 16.23 0.33 -4.82
C PHE B 47 16.53 0.42 -6.30
N THR B 48 16.95 1.59 -6.77
CA THR B 48 17.25 1.76 -8.18
C THR B 48 18.55 1.07 -8.56
N SER B 49 19.12 0.30 -7.63
CA SER B 49 20.38 -0.36 -7.92
C SER B 49 20.19 -1.73 -7.17
N THR B 50 18.93 -2.14 -6.95
CA THR B 50 18.58 -3.39 -6.26
C THR B 50 17.43 -4.13 -6.93
N ALA B 51 17.70 -5.31 -7.51
CA ALA B 51 16.64 -6.10 -8.14
C ALA B 51 15.76 -6.68 -7.04
N SER B 52 14.52 -6.20 -6.99
CA SER B 52 13.57 -6.62 -5.98
C SER B 52 12.94 -7.98 -6.20
N CYS B 53 13.05 -8.50 -7.42
CA CYS B 53 12.45 -9.79 -7.73
C CYS B 53 12.79 -10.26 -9.13
N GLU B 54 12.47 -11.51 -9.40
CA GLU B 54 12.66 -12.07 -10.73
C GLU B 54 11.25 -12.13 -11.32
N SER B 55 11.07 -11.48 -12.47
CA SER B 55 9.77 -11.45 -13.13
C SER B 55 9.85 -11.99 -14.56
N LYS B 56 8.70 -12.24 -15.17
CA LYS B 56 8.64 -12.76 -16.52
C LYS B 56 7.50 -12.11 -17.31
N ILE B 57 6.76 -11.23 -16.63
CA ILE B 57 5.59 -10.56 -17.22
C ILE B 57 5.91 -9.48 -18.23
N THR B 58 6.67 -8.47 -17.82
CA THR B 58 7.01 -7.36 -18.70
C THR B 58 8.50 -7.03 -18.76
N PHE B 59 9.02 -6.90 -19.98
CA PHE B 59 10.42 -6.54 -20.15
C PHE B 59 10.52 -5.14 -20.76
N ILE B 60 11.44 -4.33 -20.24
CA ILE B 60 11.66 -2.99 -20.76
C ILE B 60 13.14 -2.66 -20.94
N ASP B 61 13.42 -1.77 -21.88
CA ASP B 61 14.77 -1.29 -22.19
C ASP B 61 14.49 0.18 -22.47
N GLY B 62 14.73 1.03 -21.48
CA GLY B 62 14.46 2.45 -21.60
C GLY B 62 15.02 3.21 -22.80
N ASP B 63 16.33 3.12 -22.98
CA ASP B 63 17.04 3.80 -24.06
C ASP B 63 16.59 3.36 -25.45
N GLU B 64 16.36 2.06 -25.61
CA GLU B 64 15.91 1.51 -26.88
C GLU B 64 14.43 1.77 -27.10
N GLY B 65 13.75 2.20 -26.04
CA GLY B 65 12.32 2.44 -26.11
C GLY B 65 11.58 1.13 -26.27
N ILE B 66 12.12 0.07 -25.66
CA ILE B 66 11.52 -1.26 -25.74
C ILE B 66 10.62 -1.68 -24.58
N LEU B 67 9.38 -2.01 -24.94
CA LEU B 67 8.37 -2.46 -23.98
C LEU B 67 7.88 -3.82 -24.46
N LEU B 68 7.85 -4.79 -23.54
CA LEU B 68 7.40 -6.13 -23.87
C LEU B 68 6.49 -6.65 -22.76
N HIS B 69 5.47 -7.42 -23.15
CA HIS B 69 4.53 -8.06 -22.22
C HIS B 69 4.56 -9.51 -22.67
N ARG B 70 5.19 -10.38 -21.87
CA ARG B 70 5.32 -11.82 -22.20
C ARG B 70 6.08 -12.00 -23.50
N GLY B 71 6.98 -11.06 -23.82
CA GLY B 71 7.76 -11.14 -25.04
C GLY B 71 7.14 -10.45 -26.24
N PHE B 72 5.81 -10.44 -26.30
CA PHE B 72 5.08 -9.80 -27.40
C PHE B 72 5.28 -8.28 -27.32
N PRO B 73 5.82 -7.66 -28.38
CA PRO B 73 6.03 -6.21 -28.39
C PRO B 73 4.73 -5.45 -28.11
N ILE B 74 4.84 -4.33 -27.41
CA ILE B 74 3.68 -3.53 -27.08
C ILE B 74 2.90 -3.12 -28.32
N ASP B 75 3.60 -2.71 -29.38
CA ASP B 75 2.96 -2.28 -30.62
C ASP B 75 2.17 -3.37 -31.33
N GLN B 76 2.54 -4.63 -31.12
CA GLN B 76 1.83 -5.74 -31.73
C GLN B 76 0.51 -6.00 -31.01
N LEU B 77 0.54 -5.93 -29.68
CA LEU B 77 -0.64 -6.12 -28.85
C LEU B 77 -1.60 -4.94 -28.98
N ALA B 78 -1.05 -3.73 -28.91
CA ALA B 78 -1.84 -2.52 -29.00
C ALA B 78 -2.61 -2.36 -30.31
N THR B 79 -2.38 -3.25 -31.27
CA THR B 79 -3.08 -3.17 -32.54
C THR B 79 -3.86 -4.42 -32.92
N ASP B 80 -3.21 -5.58 -32.86
CA ASP B 80 -3.84 -6.86 -33.25
C ASP B 80 -4.49 -7.71 -32.16
N SER B 81 -4.80 -7.10 -31.03
CA SER B 81 -5.42 -7.81 -29.92
C SER B 81 -6.44 -6.90 -29.25
N ASN B 82 -7.00 -7.35 -28.13
CA ASN B 82 -7.95 -6.55 -27.37
C ASN B 82 -7.51 -6.54 -25.91
N TYR B 83 -8.19 -5.80 -25.04
CA TYR B 83 -7.78 -5.77 -23.64
C TYR B 83 -7.83 -7.14 -22.99
N LEU B 84 -8.92 -7.86 -23.18
CA LEU B 84 -9.06 -9.18 -22.58
C LEU B 84 -8.01 -10.20 -23.05
N GLU B 85 -7.67 -10.15 -24.33
CA GLU B 85 -6.65 -11.07 -24.88
C GLU B 85 -5.28 -10.70 -24.35
N VAL B 86 -5.08 -9.42 -24.06
CA VAL B 86 -3.81 -8.95 -23.51
C VAL B 86 -3.81 -9.29 -22.03
N CYS B 87 -4.99 -9.22 -21.41
CA CYS B 87 -5.14 -9.57 -20.00
C CYS B 87 -4.83 -11.03 -19.83
N TYR B 88 -5.40 -11.86 -20.72
CA TYR B 88 -5.17 -13.30 -20.65
C TYR B 88 -3.68 -13.64 -20.70
N ILE B 89 -2.94 -12.89 -21.51
CA ILE B 89 -1.48 -13.06 -21.69
C ILE B 89 -0.69 -12.66 -20.45
N LEU B 90 -1.02 -11.50 -19.89
CA LEU B 90 -0.35 -11.02 -18.70
C LEU B 90 -0.62 -11.97 -17.56
N LEU B 91 -1.86 -12.45 -17.49
CA LEU B 91 -2.29 -13.35 -16.44
C LEU B 91 -1.86 -14.80 -16.66
N ASN B 92 -1.77 -15.22 -17.92
CA ASN B 92 -1.43 -16.62 -18.23
C ASN B 92 -0.14 -16.90 -19.00
N GLY B 93 0.59 -15.86 -19.40
CA GLY B 93 1.86 -16.04 -20.09
C GLY B 93 1.85 -16.37 -21.57
N GLU B 94 0.72 -16.80 -22.09
CA GLU B 94 0.61 -17.15 -23.50
C GLU B 94 -0.64 -16.56 -24.09
N LYS B 95 -0.64 -16.38 -25.41
CA LYS B 95 -1.82 -15.87 -26.09
C LYS B 95 -2.85 -16.99 -26.01
N PRO B 96 -4.10 -16.64 -25.66
CA PRO B 96 -5.17 -17.64 -25.54
C PRO B 96 -5.51 -18.40 -26.79
N THR B 97 -6.20 -19.51 -26.59
CA THR B 97 -6.69 -20.35 -27.67
C THR B 97 -8.14 -19.90 -27.81
N GLN B 98 -8.78 -20.23 -28.93
CA GLN B 98 -10.16 -19.82 -29.13
C GLN B 98 -11.05 -20.30 -27.99
N GLU B 99 -10.88 -21.55 -27.57
CA GLU B 99 -11.68 -22.10 -26.48
C GLU B 99 -11.28 -21.50 -25.14
N GLN B 100 -9.99 -21.14 -25.02
CA GLN B 100 -9.48 -20.54 -23.78
C GLN B 100 -10.00 -19.11 -23.63
N TYR B 101 -9.80 -18.32 -24.69
CA TYR B 101 -10.24 -16.93 -24.70
C TYR B 101 -11.73 -16.80 -24.45
N ASP B 102 -12.53 -17.59 -25.14
CA ASP B 102 -13.97 -17.52 -24.97
C ASP B 102 -14.45 -17.81 -23.56
N GLU B 103 -13.78 -18.74 -22.88
CA GLU B 103 -14.16 -19.09 -21.51
C GLU B 103 -13.68 -18.01 -20.54
N PHE B 104 -12.51 -17.44 -20.81
CA PHE B 104 -11.96 -16.39 -19.97
C PHE B 104 -12.84 -15.17 -20.16
N LYS B 105 -13.17 -14.87 -21.40
CA LYS B 105 -14.01 -13.73 -21.76
C LYS B 105 -15.36 -13.78 -21.09
N THR B 106 -16.01 -14.94 -21.20
CA THR B 106 -17.32 -15.19 -20.63
C THR B 106 -17.40 -14.92 -19.13
N THR B 107 -16.53 -15.55 -18.37
CA THR B 107 -16.50 -15.39 -16.91
C THR B 107 -16.31 -13.92 -16.51
N VAL B 108 -15.60 -13.17 -17.35
CA VAL B 108 -15.37 -11.76 -17.09
C VAL B 108 -16.66 -10.97 -17.23
N THR B 109 -17.42 -11.27 -18.29
CA THR B 109 -18.67 -10.57 -18.52
C THR B 109 -19.77 -10.94 -17.54
N ARG B 110 -19.81 -12.18 -17.15
CA ARG B 110 -20.83 -12.66 -16.22
C ARG B 110 -20.64 -12.20 -14.77
N HIS B 111 -19.55 -11.47 -14.47
CA HIS B 111 -19.31 -11.03 -13.11
C HIS B 111 -19.12 -9.52 -13.01
N THR B 112 -19.62 -8.82 -14.02
CA THR B 112 -19.52 -7.37 -14.11
C THR B 112 -20.34 -6.56 -13.10
N MET B 113 -21.45 -7.11 -12.59
CA MET B 113 -22.24 -6.42 -11.56
C MET B 113 -21.65 -6.46 -10.18
N ILE B 114 -21.89 -5.39 -9.45
CA ILE B 114 -21.44 -5.25 -8.09
C ILE B 114 -22.63 -5.42 -7.14
N HIS B 115 -22.40 -6.07 -6.00
CA HIS B 115 -23.45 -6.29 -5.01
C HIS B 115 -24.14 -4.97 -4.66
N GLU B 116 -25.47 -5.00 -4.63
CA GLU B 116 -26.32 -3.86 -4.31
C GLU B 116 -25.88 -3.08 -3.06
N GLN B 117 -25.28 -3.77 -2.10
CA GLN B 117 -24.81 -3.13 -0.87
C GLN B 117 -23.55 -2.32 -1.08
N ILE B 118 -22.79 -2.68 -2.11
CA ILE B 118 -21.57 -1.94 -2.43
C ILE B 118 -22.02 -0.63 -3.04
N THR B 119 -22.97 -0.72 -3.97
CA THR B 119 -23.52 0.45 -4.65
C THR B 119 -23.98 1.49 -3.63
N ARG B 120 -24.50 1.03 -2.51
CA ARG B 120 -24.97 1.94 -1.47
C ARG B 120 -23.89 2.81 -0.89
N LEU B 121 -22.69 2.27 -0.80
CA LEU B 121 -21.54 2.99 -0.25
C LEU B 121 -21.20 4.26 -1.04
N PHE B 122 -21.46 4.25 -2.35
CA PHE B 122 -21.18 5.43 -3.20
C PHE B 122 -21.98 6.61 -2.70
N HIS B 123 -23.22 6.34 -2.31
CA HIS B 123 -24.12 7.36 -1.82
C HIS B 123 -23.74 8.11 -0.54
N ALA B 124 -22.78 7.60 0.21
CA ALA B 124 -22.35 8.29 1.42
C ALA B 124 -21.14 9.18 1.17
N PHE B 125 -20.58 9.10 -0.04
CA PHE B 125 -19.45 9.93 -0.43
C PHE B 125 -20.04 11.26 -0.86
N ARG B 126 -19.21 12.30 -0.91
CA ARG B 126 -19.71 13.60 -1.32
C ARG B 126 -19.77 13.69 -2.85
N ARG B 127 -20.68 14.53 -3.36
CA ARG B 127 -20.83 14.71 -4.80
C ARG B 127 -19.65 15.47 -5.39
N ASP B 128 -19.13 16.41 -4.61
CA ASP B 128 -17.99 17.21 -5.03
C ASP B 128 -16.66 16.46 -4.92
N SER B 129 -16.66 15.29 -4.31
CA SER B 129 -15.46 14.46 -4.16
C SER B 129 -14.82 14.18 -5.52
N HIS B 130 -13.58 13.73 -5.52
CA HIS B 130 -12.87 13.42 -6.76
C HIS B 130 -13.16 11.98 -7.14
N PRO B 131 -13.53 11.72 -8.41
CA PRO B 131 -13.82 10.35 -8.85
C PRO B 131 -12.69 9.38 -8.49
N MET B 132 -11.47 9.89 -8.36
CA MET B 132 -10.31 9.08 -8.03
C MET B 132 -10.20 8.82 -6.52
N ALA B 133 -10.55 9.81 -5.72
CA ALA B 133 -10.51 9.69 -4.27
C ALA B 133 -11.59 8.73 -3.82
N VAL B 134 -12.69 8.72 -4.57
CA VAL B 134 -13.84 7.86 -4.33
C VAL B 134 -13.55 6.49 -4.88
N MET B 135 -12.80 6.44 -5.98
CA MET B 135 -12.41 5.19 -6.62
C MET B 135 -11.59 4.37 -5.62
N CYS B 136 -10.73 5.06 -4.86
CA CYS B 136 -9.90 4.43 -3.84
C CYS B 136 -10.79 3.91 -2.72
N GLY B 137 -11.75 4.74 -2.30
CA GLY B 137 -12.67 4.40 -1.24
C GLY B 137 -13.47 3.12 -1.43
N ILE B 138 -13.98 2.93 -2.64
CA ILE B 138 -14.75 1.74 -2.96
C ILE B 138 -13.82 0.55 -3.07
N THR B 139 -12.66 0.75 -3.67
CA THR B 139 -11.67 -0.32 -3.86
C THR B 139 -11.20 -0.93 -2.56
N GLY B 140 -10.62 -0.13 -1.68
CA GLY B 140 -10.16 -0.65 -0.40
C GLY B 140 -11.28 -1.05 0.52
N ALA B 141 -12.52 -0.84 0.09
CA ALA B 141 -13.71 -1.19 0.85
C ALA B 141 -14.27 -2.52 0.44
N LEU B 142 -13.85 -3.01 -0.72
CA LEU B 142 -14.36 -4.28 -1.22
C LEU B 142 -14.13 -5.48 -0.31
N ALA B 143 -13.02 -5.50 0.43
CA ALA B 143 -12.69 -6.60 1.33
C ALA B 143 -13.73 -6.86 2.41
N ALA B 144 -14.53 -5.84 2.71
CA ALA B 144 -15.59 -5.92 3.71
C ALA B 144 -16.75 -6.78 3.21
N PHE B 145 -16.80 -6.96 1.90
CA PHE B 145 -17.86 -7.75 1.29
C PHE B 145 -17.35 -9.10 0.83
N TYR B 146 -16.27 -9.07 0.06
CA TYR B 146 -15.67 -10.27 -0.49
C TYR B 146 -14.77 -11.03 0.50
N HIS B 147 -15.34 -11.37 1.65
CA HIS B 147 -14.62 -12.10 2.70
C HIS B 147 -14.38 -13.55 2.32
N ASP B 148 -15.00 -13.97 1.22
CA ASP B 148 -14.87 -15.33 0.70
C ASP B 148 -13.67 -15.55 -0.23
N SER B 149 -12.80 -14.53 -0.35
CA SER B 149 -11.60 -14.62 -1.21
C SER B 149 -10.45 -13.72 -0.77
N LEU B 150 -10.15 -13.73 0.53
CA LEU B 150 -9.05 -12.92 1.07
C LEU B 150 -7.78 -13.74 1.27
N ASP B 151 -7.96 -15.01 1.65
CA ASP B 151 -6.86 -15.95 1.91
C ASP B 151 -5.96 -16.08 0.67
N VAL B 152 -4.87 -15.31 0.68
CA VAL B 152 -3.93 -15.25 -0.43
C VAL B 152 -3.14 -16.52 -0.78
N ASN B 153 -3.06 -17.46 0.15
CA ASN B 153 -2.32 -18.69 -0.08
C ASN B 153 -3.17 -19.78 -0.74
N ASN B 154 -4.42 -19.43 -1.06
CA ASN B 154 -5.38 -20.34 -1.72
C ASN B 154 -5.54 -19.92 -3.18
N PRO B 155 -5.01 -20.72 -4.12
CA PRO B 155 -5.08 -20.44 -5.56
C PRO B 155 -6.51 -20.21 -6.06
N ARG B 156 -7.48 -20.85 -5.41
CA ARG B 156 -8.88 -20.72 -5.79
C ARG B 156 -9.30 -19.27 -5.49
N HIS B 157 -9.01 -18.85 -4.26
CA HIS B 157 -9.32 -17.50 -3.80
C HIS B 157 -8.67 -16.46 -4.68
N ARG B 158 -7.36 -16.61 -4.87
CA ARG B 158 -6.61 -15.67 -5.67
C ARG B 158 -7.16 -15.48 -7.07
N GLU B 159 -7.63 -16.56 -7.69
CA GLU B 159 -8.19 -16.47 -9.03
C GLU B 159 -9.55 -15.78 -9.00
N ILE B 160 -10.40 -16.19 -8.07
CA ILE B 160 -11.73 -15.60 -7.90
C ILE B 160 -11.54 -14.11 -7.70
N ALA B 161 -10.68 -13.74 -6.74
CA ALA B 161 -10.38 -12.34 -6.43
C ALA B 161 -9.87 -11.61 -7.65
N ALA B 162 -8.98 -12.27 -8.40
CA ALA B 162 -8.42 -11.65 -9.61
C ALA B 162 -9.50 -11.40 -10.65
N PHE B 163 -10.47 -12.30 -10.74
CA PHE B 163 -11.57 -12.14 -11.67
C PHE B 163 -12.59 -11.13 -11.17
N ARG B 164 -12.72 -11.04 -9.85
CA ARG B 164 -13.65 -10.08 -9.24
C ARG B 164 -13.22 -8.64 -9.54
N LEU B 165 -11.93 -8.46 -9.81
CA LEU B 165 -11.35 -7.16 -10.07
C LEU B 165 -11.25 -6.81 -11.53
N LEU B 166 -11.18 -7.80 -12.40
CA LEU B 166 -10.98 -7.44 -13.78
C LEU B 166 -12.40 -7.14 -14.29
N SER B 167 -13.39 -7.83 -13.70
CA SER B 167 -14.79 -7.65 -14.05
C SER B 167 -15.36 -6.37 -13.42
N LYS B 168 -15.11 -6.16 -12.13
CA LYS B 168 -15.67 -5.02 -11.42
C LYS B 168 -15.02 -3.64 -11.51
N MET B 169 -13.81 -3.54 -12.04
CA MET B 169 -13.15 -2.24 -12.14
C MET B 169 -13.88 -1.23 -13.04
N PRO B 170 -14.24 -1.60 -14.28
CA PRO B 170 -14.95 -0.65 -15.14
C PRO B 170 -16.25 -0.21 -14.49
N THR B 171 -17.04 -1.19 -14.06
CA THR B 171 -18.32 -0.94 -13.41
C THR B 171 -18.12 0.10 -12.31
N MET B 172 -17.17 -0.19 -11.43
CA MET B 172 -16.81 0.65 -10.31
C MET B 172 -16.44 2.05 -10.80
N ALA B 173 -15.45 2.11 -11.70
CA ALA B 173 -14.96 3.38 -12.25
C ALA B 173 -16.05 4.23 -12.86
N ALA B 174 -16.83 3.65 -13.78
CA ALA B 174 -17.92 4.37 -14.44
C ALA B 174 -18.86 4.97 -13.41
N MET B 175 -19.22 4.19 -12.39
CA MET B 175 -20.10 4.69 -11.33
C MET B 175 -19.48 5.92 -10.63
N CYS B 176 -18.16 5.96 -10.50
CA CYS B 176 -17.49 7.11 -9.87
C CYS B 176 -17.81 8.36 -10.67
N TYR B 177 -17.77 8.20 -11.99
CA TYR B 177 -18.05 9.28 -12.91
C TYR B 177 -19.52 9.67 -12.81
N LYS B 178 -20.42 8.71 -12.98
CA LYS B 178 -21.86 8.97 -12.94
C LYS B 178 -22.29 9.68 -11.68
N TYR B 179 -21.74 9.24 -10.55
CA TYR B 179 -22.08 9.84 -9.28
C TYR B 179 -21.51 11.25 -9.14
N SER B 180 -20.36 11.51 -9.78
CA SER B 180 -19.71 12.82 -9.70
C SER B 180 -20.47 13.87 -10.46
N ILE B 181 -21.09 13.48 -11.59
CA ILE B 181 -21.86 14.41 -12.41
C ILE B 181 -23.34 14.44 -12.01
N GLY B 182 -23.83 13.34 -11.45
CA GLY B 182 -25.21 13.32 -11.03
C GLY B 182 -26.17 12.59 -11.95
N GLN B 183 -25.63 11.68 -12.76
CA GLN B 183 -26.48 10.89 -13.64
C GLN B 183 -26.60 9.51 -12.99
N PRO B 184 -27.73 8.80 -13.18
CA PRO B 184 -27.92 7.48 -12.58
C PRO B 184 -26.92 6.44 -13.04
N PHE B 185 -26.59 5.51 -12.14
CA PHE B 185 -25.65 4.41 -12.43
C PHE B 185 -26.25 3.49 -13.48
N VAL B 186 -25.39 2.99 -14.37
CA VAL B 186 -25.80 2.10 -15.45
C VAL B 186 -25.24 0.68 -15.30
N TYR B 187 -26.12 -0.32 -15.40
CA TYR B 187 -25.71 -1.72 -15.28
C TYR B 187 -24.98 -2.22 -16.50
N PRO B 188 -24.03 -3.14 -16.30
CA PRO B 188 -23.26 -3.70 -17.40
C PRO B 188 -24.13 -4.52 -18.32
N ARG B 189 -23.85 -4.45 -19.62
CA ARG B 189 -24.57 -5.18 -20.65
C ARG B 189 -23.65 -6.29 -21.12
N ASN B 190 -24.08 -7.53 -20.90
CA ASN B 190 -23.29 -8.67 -21.28
C ASN B 190 -23.17 -8.86 -22.78
N ASP B 191 -23.93 -8.07 -23.54
CA ASP B 191 -23.90 -8.16 -25.00
C ASP B 191 -22.86 -7.25 -25.65
N LEU B 192 -22.26 -6.38 -24.84
CA LEU B 192 -21.24 -5.45 -25.31
C LEU B 192 -19.85 -5.89 -24.84
N SER B 193 -18.82 -5.54 -25.59
CA SER B 193 -17.45 -5.87 -25.24
C SER B 193 -16.99 -5.10 -23.99
N TYR B 194 -15.86 -5.51 -23.41
CA TYR B 194 -15.31 -4.88 -22.22
C TYR B 194 -15.30 -3.35 -22.30
N ALA B 195 -14.82 -2.81 -23.43
CA ALA B 195 -14.72 -1.36 -23.68
C ALA B 195 -16.03 -0.70 -24.06
N GLY B 196 -16.78 -1.31 -24.97
CA GLY B 196 -18.06 -0.76 -25.35
C GLY B 196 -18.95 -0.66 -24.12
N ASN B 197 -19.02 -1.77 -23.38
CA ASN B 197 -19.82 -1.86 -22.16
C ASN B 197 -19.44 -0.75 -21.19
N PHE B 198 -18.17 -0.34 -21.24
CA PHE B 198 -17.62 0.71 -20.39
C PHE B 198 -18.09 2.10 -20.85
N LEU B 199 -18.01 2.35 -22.16
CA LEU B 199 -18.44 3.63 -22.71
C LEU B 199 -19.94 3.78 -22.50
N ASN B 200 -20.63 2.66 -22.38
CA ASN B 200 -22.06 2.69 -22.17
C ASN B 200 -22.35 3.06 -20.73
N MET B 201 -21.62 2.45 -19.79
CA MET B 201 -21.83 2.75 -18.39
C MET B 201 -21.39 4.17 -18.05
N MET B 202 -20.52 4.73 -18.89
CA MET B 202 -20.01 6.09 -18.71
C MET B 202 -20.96 7.10 -19.32
N PHE B 203 -21.44 6.79 -20.52
CA PHE B 203 -22.28 7.72 -21.25
C PHE B 203 -23.74 7.40 -21.48
N SER B 204 -24.23 6.25 -21.02
CA SER B 204 -25.64 5.91 -21.21
C SER B 204 -26.56 6.63 -20.20
N THR B 205 -27.79 6.89 -20.65
CA THR B 205 -28.82 7.56 -19.85
C THR B 205 -30.16 6.97 -20.31
N PRO B 206 -31.09 6.71 -19.37
CA PRO B 206 -32.42 6.14 -19.66
C PRO B 206 -33.22 6.85 -20.75
N CYS B 207 -32.98 8.15 -20.92
CA CYS B 207 -33.69 8.98 -21.89
C CYS B 207 -33.68 8.47 -23.32
N GLU B 208 -32.65 7.69 -23.66
CA GLU B 208 -32.54 7.13 -25.00
C GLU B 208 -31.46 6.04 -25.07
N PRO B 209 -31.52 5.17 -26.08
CA PRO B 209 -30.50 4.13 -26.16
C PRO B 209 -29.20 4.75 -26.65
N TYR B 210 -28.09 4.30 -26.07
CA TYR B 210 -26.76 4.78 -26.41
C TYR B 210 -26.15 3.86 -27.46
N GLU B 211 -25.53 4.45 -28.48
CA GLU B 211 -24.92 3.69 -29.56
C GLU B 211 -23.44 4.00 -29.65
N VAL B 212 -22.63 3.00 -29.30
CA VAL B 212 -21.18 3.08 -29.30
C VAL B 212 -20.57 3.13 -30.70
N ASN B 213 -19.75 4.16 -30.95
CA ASN B 213 -19.08 4.30 -32.23
C ASN B 213 -17.92 3.32 -32.22
N PRO B 214 -17.87 2.43 -33.22
CA PRO B 214 -16.86 1.37 -33.40
C PRO B 214 -15.41 1.83 -33.31
N ILE B 215 -15.14 3.05 -33.78
CA ILE B 215 -13.80 3.62 -33.74
C ILE B 215 -13.48 4.07 -32.32
N LEU B 216 -14.49 4.60 -31.64
CA LEU B 216 -14.34 5.07 -30.27
C LEU B 216 -14.18 3.90 -29.32
N GLU B 217 -14.93 2.83 -29.59
CA GLU B 217 -14.88 1.62 -28.77
C GLU B 217 -13.49 1.02 -28.87
N ARG B 218 -13.00 0.94 -30.10
CA ARG B 218 -11.67 0.41 -30.38
C ARG B 218 -10.62 1.30 -29.73
N ALA B 219 -10.84 2.61 -29.81
CA ALA B 219 -9.93 3.59 -29.23
C ALA B 219 -9.78 3.43 -27.72
N MET B 220 -10.86 3.08 -27.04
CA MET B 220 -10.81 2.90 -25.58
C MET B 220 -10.10 1.59 -25.24
N ASP B 221 -10.34 0.57 -26.05
CA ASP B 221 -9.71 -0.73 -25.82
C ASP B 221 -8.18 -0.58 -25.91
N ARG B 222 -7.72 0.29 -26.80
CA ARG B 222 -6.29 0.53 -26.98
C ARG B 222 -5.70 1.40 -25.88
N ILE B 223 -6.54 2.25 -25.27
CA ILE B 223 -6.07 3.09 -24.18
C ILE B 223 -5.78 2.11 -23.06
N LEU B 224 -6.72 1.17 -22.87
CA LEU B 224 -6.60 0.12 -21.87
C LEU B 224 -5.35 -0.73 -22.11
N ILE B 225 -5.17 -1.17 -23.35
CA ILE B 225 -4.02 -1.99 -23.77
C ILE B 225 -2.68 -1.34 -23.43
N LEU B 226 -2.58 -0.05 -23.74
CA LEU B 226 -1.36 0.72 -23.50
C LEU B 226 -1.10 1.04 -22.03
N HIS B 227 -2.08 0.75 -21.18
CA HIS B 227 -1.91 0.99 -19.76
C HIS B 227 -1.95 -0.31 -18.96
N ALA B 228 -2.18 -1.44 -19.65
CA ALA B 228 -2.26 -2.76 -19.04
C ALA B 228 -1.19 -3.07 -18.00
N ASP B 229 0.08 -2.83 -18.35
CA ASP B 229 1.19 -3.05 -17.42
C ASP B 229 2.41 -2.22 -17.81
N HIS B 230 3.31 -2.04 -16.84
CA HIS B 230 4.52 -1.28 -17.09
C HIS B 230 5.66 -1.63 -16.13
N GLU B 231 5.87 -2.93 -15.91
CA GLU B 231 6.94 -3.45 -15.06
C GLU B 231 7.00 -2.97 -13.60
N GLN B 232 8.18 -3.03 -12.99
CA GLN B 232 8.41 -2.65 -11.60
C GLN B 232 8.40 -1.17 -11.25
N ASN B 233 7.29 -0.48 -11.48
CA ASN B 233 7.27 0.92 -11.10
C ASN B 233 6.87 1.02 -9.63
N ALA B 234 6.68 2.24 -9.15
CA ALA B 234 6.31 2.48 -7.76
C ALA B 234 4.93 1.95 -7.37
N SER B 235 3.93 2.24 -8.20
CA SER B 235 2.57 1.79 -7.91
C SER B 235 2.36 0.30 -8.05
N THR B 236 3.27 -0.38 -8.76
CA THR B 236 3.18 -1.83 -8.91
C THR B 236 4.00 -2.46 -7.79
N SER B 237 5.06 -1.76 -7.40
CA SER B 237 5.92 -2.20 -6.33
C SER B 237 5.22 -1.98 -4.98
N THR B 238 4.17 -1.16 -4.98
CA THR B 238 3.38 -0.91 -3.77
C THR B 238 2.45 -2.10 -3.55
N VAL B 239 2.00 -2.68 -4.65
CA VAL B 239 1.11 -3.84 -4.65
C VAL B 239 1.90 -5.05 -4.18
N ARG B 240 3.12 -5.16 -4.68
CA ARG B 240 4.03 -6.25 -4.34
C ARG B 240 4.40 -6.22 -2.87
N THR B 241 4.80 -5.03 -2.39
CA THR B 241 5.19 -4.87 -0.98
C THR B 241 4.01 -5.23 -0.08
N ALA B 242 2.86 -4.66 -0.39
CA ALA B 242 1.62 -4.89 0.34
C ALA B 242 1.26 -6.37 0.34
N GLY B 243 1.32 -7.00 -0.84
CA GLY B 243 0.99 -8.41 -0.95
C GLY B 243 1.91 -9.37 -0.21
N SER B 244 3.19 -9.00 -0.06
CA SER B 244 4.17 -9.86 0.62
C SER B 244 3.71 -10.22 2.03
N SER B 245 3.14 -9.25 2.72
CA SER B 245 2.65 -9.46 4.09
C SER B 245 1.48 -10.45 4.13
N GLY B 246 0.81 -10.60 3.00
CA GLY B 246 -0.33 -11.50 2.93
C GLY B 246 -1.64 -10.71 2.84
N ALA B 247 -1.53 -9.40 2.65
CA ALA B 247 -2.70 -8.51 2.54
C ALA B 247 -3.61 -8.95 1.41
N ASN B 248 -4.93 -8.83 1.60
CA ASN B 248 -5.88 -9.22 0.58
C ASN B 248 -5.64 -8.50 -0.74
N PRO B 249 -6.06 -9.11 -1.85
CA PRO B 249 -5.90 -8.55 -3.20
C PRO B 249 -6.50 -7.17 -3.36
N PHE B 250 -7.75 -7.02 -2.93
CA PHE B 250 -8.47 -5.76 -3.05
C PHE B 250 -7.71 -4.59 -2.42
N ALA B 251 -7.35 -4.71 -1.15
CA ALA B 251 -6.58 -3.67 -0.46
C ALA B 251 -5.25 -3.40 -1.19
N CYS B 252 -4.71 -4.43 -1.83
CA CYS B 252 -3.47 -4.26 -2.58
C CYS B 252 -3.76 -3.48 -3.84
N ILE B 253 -4.86 -3.81 -4.50
CA ILE B 253 -5.24 -3.09 -5.72
C ILE B 253 -5.66 -1.66 -5.38
N ALA B 254 -6.08 -1.43 -4.12
CA ALA B 254 -6.48 -0.11 -3.66
C ALA B 254 -5.27 0.75 -3.35
N ALA B 255 -4.17 0.10 -2.99
CA ALA B 255 -2.91 0.78 -2.68
C ALA B 255 -2.31 1.35 -3.94
N GLY B 256 -2.31 0.54 -5.00
CA GLY B 256 -1.79 0.97 -6.28
C GLY B 256 -2.52 2.20 -6.82
N ILE B 257 -3.85 2.22 -6.71
CA ILE B 257 -4.64 3.36 -7.19
C ILE B 257 -4.20 4.63 -6.46
N ALA B 258 -4.05 4.53 -5.14
CA ALA B 258 -3.63 5.67 -4.31
C ALA B 258 -2.20 6.10 -4.61
N SER B 259 -1.40 5.17 -5.09
CA SER B 259 0.00 5.41 -5.44
C SER B 259 0.15 5.82 -6.90
N LEU B 260 -0.87 5.52 -7.71
CA LEU B 260 -0.82 5.88 -9.12
C LEU B 260 -1.14 7.35 -9.29
N TRP B 261 -2.03 7.91 -8.45
CA TRP B 261 -2.32 9.33 -8.57
C TRP B 261 -1.58 10.14 -7.54
N GLY B 262 -0.63 9.49 -6.87
CA GLY B 262 0.18 10.17 -5.88
C GLY B 262 0.74 11.47 -6.41
N PRO B 263 1.33 11.47 -7.62
CA PRO B 263 1.90 12.70 -8.20
C PRO B 263 0.85 13.75 -8.65
N ALA B 264 -0.41 13.32 -8.81
CA ALA B 264 -1.48 14.22 -9.21
C ALA B 264 -1.93 15.17 -8.10
N HIS B 265 -2.27 14.61 -6.94
CA HIS B 265 -2.68 15.43 -5.81
C HIS B 265 -1.44 15.84 -5.03
N GLY B 266 -0.46 14.92 -4.99
CA GLY B 266 0.78 15.16 -4.29
C GLY B 266 1.49 16.40 -4.76
N GLY B 267 1.02 16.96 -5.88
CA GLY B 267 1.61 18.16 -6.41
C GLY B 267 1.38 19.27 -5.41
N ALA B 268 0.15 19.80 -5.42
CA ALA B 268 -0.29 20.85 -4.50
C ALA B 268 -1.63 21.33 -5.00
N ASN B 269 -2.36 22.07 -4.15
CA ASN B 269 -3.65 22.62 -4.56
C ASN B 269 -3.46 23.48 -5.82
N GLU B 270 -2.21 23.91 -6.02
CA GLU B 270 -1.83 24.66 -7.20
C GLU B 270 -0.43 24.30 -7.75
N ALA B 271 -0.14 23.02 -7.93
CA ALA B 271 1.17 22.62 -8.47
C ALA B 271 1.18 22.82 -9.97
N ALA B 272 0.30 22.07 -10.65
CA ALA B 272 0.12 22.17 -12.09
C ALA B 272 -1.25 22.80 -12.26
N LEU B 273 -1.68 23.52 -11.21
CA LEU B 273 -2.98 24.17 -11.19
C LEU B 273 -2.88 25.67 -10.89
N LYS B 274 -1.73 26.08 -10.36
CA LYS B 274 -1.48 27.48 -10.01
C LYS B 274 -1.66 28.40 -11.21
N MET B 275 -0.83 28.18 -12.21
CA MET B 275 -0.85 28.96 -13.44
C MET B 275 -2.12 28.74 -14.25
N LEU B 276 -2.88 27.68 -13.91
CA LEU B 276 -4.14 27.40 -14.61
C LEU B 276 -5.13 28.50 -14.23
N GLU B 277 -4.78 29.23 -13.16
CA GLU B 277 -5.57 30.32 -12.66
C GLU B 277 -5.10 31.61 -13.33
N GLU B 278 -3.91 31.56 -13.93
CA GLU B 278 -3.33 32.71 -14.61
C GLU B 278 -3.70 32.74 -16.09
N ILE B 279 -4.85 32.18 -16.43
CA ILE B 279 -5.32 32.14 -17.82
C ILE B 279 -6.41 33.21 -18.00
N SER B 280 -6.57 34.06 -16.99
CA SER B 280 -7.59 35.11 -17.02
C SER B 280 -7.00 36.52 -17.05
N SER B 281 -5.77 36.68 -16.58
CA SER B 281 -5.13 37.98 -16.55
C SER B 281 -4.12 38.18 -17.68
N VAL B 282 -3.47 37.10 -18.11
CA VAL B 282 -2.48 37.17 -19.19
C VAL B 282 -2.93 36.41 -20.44
N LYS B 283 -4.25 36.37 -20.66
CA LYS B 283 -4.83 35.69 -21.82
C LYS B 283 -4.65 36.41 -23.16
N HIS B 284 -3.83 37.45 -23.15
CA HIS B 284 -3.57 38.24 -24.35
C HIS B 284 -2.93 37.35 -25.42
N ILE B 285 -2.17 36.35 -24.97
CA ILE B 285 -1.50 35.40 -25.87
C ILE B 285 -2.21 34.04 -25.70
N PRO B 286 -2.83 33.53 -26.79
CA PRO B 286 -3.58 32.27 -26.91
C PRO B 286 -2.87 30.93 -26.79
N GLU B 287 -1.80 30.87 -25.98
CA GLU B 287 -1.06 29.63 -25.78
C GLU B 287 -0.05 29.74 -24.64
N PHE B 288 0.90 30.66 -24.76
CA PHE B 288 1.91 30.82 -23.72
C PHE B 288 1.37 31.33 -22.38
N PHE B 289 0.06 31.51 -22.33
CA PHE B 289 -0.60 31.88 -21.09
C PHE B 289 -0.86 30.48 -20.54
N ARG B 290 -1.03 30.29 -19.24
CA ARG B 290 -1.30 28.91 -18.85
C ARG B 290 -0.25 27.84 -19.24
N ARG B 291 -0.73 26.67 -19.62
CA ARG B 291 0.04 25.45 -19.93
C ARG B 291 0.99 25.47 -21.13
N ALA B 292 1.74 26.56 -21.22
CA ALA B 292 2.78 26.75 -22.22
C ALA B 292 3.84 27.54 -21.45
N LYS B 293 3.40 28.10 -20.34
CA LYS B 293 4.20 28.90 -19.41
C LYS B 293 4.10 28.25 -18.03
N ASP B 294 3.02 27.50 -17.81
CA ASP B 294 2.74 26.82 -16.54
C ASP B 294 3.94 26.09 -15.95
N LYS B 295 4.38 25.04 -16.63
CA LYS B 295 5.48 24.22 -16.16
C LYS B 295 6.77 24.92 -15.81
N ASN B 296 6.88 25.26 -14.53
CA ASN B 296 8.08 25.87 -13.97
C ASN B 296 8.75 24.62 -13.43
N ASP B 297 7.91 23.79 -12.80
CA ASP B 297 8.29 22.49 -12.25
C ASP B 297 7.58 21.55 -13.22
N SER B 298 8.21 21.30 -14.37
CA SER B 298 7.67 20.45 -15.42
C SER B 298 7.02 19.16 -14.91
N PHE B 299 5.99 18.69 -15.63
CA PHE B 299 5.28 17.48 -15.25
C PHE B 299 5.17 16.46 -16.37
N ARG B 300 5.37 15.20 -16.02
CA ARG B 300 5.25 14.11 -16.99
C ARG B 300 3.81 13.64 -16.92
N LEU B 301 3.05 14.29 -16.04
CA LEU B 301 1.67 13.92 -15.83
C LEU B 301 0.82 14.65 -16.90
N MET B 302 1.41 15.68 -17.51
CA MET B 302 0.72 16.43 -18.57
C MET B 302 1.01 15.83 -19.95
N GLY B 303 1.85 14.79 -19.98
CA GLY B 303 2.18 14.11 -21.22
C GLY B 303 3.55 14.40 -21.79
N PHE B 304 4.39 15.06 -21.03
CA PHE B 304 5.72 15.39 -21.50
C PHE B 304 6.77 14.79 -20.57
N GLY B 305 7.52 13.82 -21.11
CA GLY B 305 8.57 13.15 -20.35
C GLY B 305 8.16 11.86 -19.65
N HIS B 306 9.16 11.05 -19.30
CA HIS B 306 8.97 9.79 -18.61
C HIS B 306 10.32 9.18 -18.23
N ARG B 307 10.46 8.80 -16.96
CA ARG B 307 11.68 8.23 -16.43
C ARG B 307 12.14 6.93 -17.05
N VAL B 308 11.19 6.10 -17.48
CA VAL B 308 11.47 4.80 -18.07
C VAL B 308 12.26 4.80 -19.38
N TYR B 309 11.76 5.52 -20.38
CA TYR B 309 12.40 5.56 -21.69
C TYR B 309 13.29 6.77 -21.89
N LYS B 310 14.29 6.62 -22.76
CA LYS B 310 15.25 7.66 -23.04
C LYS B 310 14.78 8.77 -23.97
N ASN B 311 14.35 8.39 -25.16
CA ASN B 311 13.93 9.35 -26.18
C ASN B 311 12.46 9.39 -26.56
N TYR B 312 11.72 8.34 -26.24
CA TYR B 312 10.29 8.28 -26.58
C TYR B 312 9.55 7.15 -25.87
N ASP B 313 8.23 7.19 -26.00
CA ASP B 313 7.37 6.19 -25.39
C ASP B 313 6.89 5.25 -26.49
N PRO B 314 7.22 3.94 -26.39
CA PRO B 314 6.82 2.91 -27.37
C PRO B 314 5.33 2.61 -27.33
N ARG B 315 4.64 3.21 -26.36
CA ARG B 315 3.21 3.04 -26.19
C ARG B 315 2.53 4.21 -26.89
N ALA B 316 3.27 5.32 -26.99
CA ALA B 316 2.75 6.52 -27.62
C ALA B 316 2.60 6.39 -29.14
N THR B 317 3.21 5.36 -29.72
CA THR B 317 3.12 5.16 -31.16
C THR B 317 1.68 4.95 -31.60
N VAL B 318 1.09 3.83 -31.19
CA VAL B 318 -0.29 3.52 -31.56
C VAL B 318 -1.26 4.57 -31.01
N MET B 319 -1.02 5.00 -29.77
CA MET B 319 -1.89 5.98 -29.14
C MET B 319 -2.03 7.24 -29.98
N ARG B 320 -0.97 7.62 -30.69
CA ARG B 320 -0.97 8.81 -31.54
C ARG B 320 -1.79 8.59 -32.82
N GLU B 321 -1.66 7.40 -33.40
CA GLU B 321 -2.38 7.06 -34.62
C GLU B 321 -3.85 6.97 -34.31
N THR B 322 -4.16 6.32 -33.20
CA THR B 322 -5.53 6.14 -32.73
C THR B 322 -6.14 7.49 -32.39
N CYS B 323 -5.29 8.40 -31.92
CA CYS B 323 -5.70 9.76 -31.55
C CYS B 323 -6.26 10.48 -32.76
N HIS B 324 -5.59 10.34 -33.90
CA HIS B 324 -6.03 10.98 -35.13
C HIS B 324 -7.37 10.44 -35.59
N GLU B 325 -7.52 9.12 -35.60
CA GLU B 325 -8.77 8.48 -36.02
C GLU B 325 -9.96 9.00 -35.21
N VAL B 326 -9.76 9.12 -33.90
CA VAL B 326 -10.80 9.60 -33.00
C VAL B 326 -11.17 11.03 -33.36
N LEU B 327 -10.18 11.92 -33.39
CA LEU B 327 -10.40 13.32 -33.72
C LEU B 327 -10.94 13.44 -35.15
N LYS B 328 -10.58 12.45 -35.98
CA LYS B 328 -11.03 12.37 -37.37
C LYS B 328 -12.35 11.60 -37.41
N GLU B 329 -13.15 11.74 -36.37
CA GLU B 329 -14.43 11.07 -36.28
C GLU B 329 -15.41 11.96 -35.56
N LEU B 330 -14.87 12.70 -34.58
CA LEU B 330 -15.67 13.62 -33.77
C LEU B 330 -15.76 15.00 -34.42
N GLY B 331 -15.06 15.16 -35.53
CA GLY B 331 -15.05 16.40 -36.30
C GLY B 331 -15.32 17.75 -35.65
N THR B 332 -16.49 18.31 -35.94
CA THR B 332 -16.91 19.63 -35.45
C THR B 332 -17.28 19.76 -33.96
N LYS B 333 -16.32 19.39 -33.12
CA LYS B 333 -16.45 19.50 -31.68
C LYS B 333 -15.03 19.45 -31.11
N ASP B 334 -14.10 18.99 -31.94
CA ASP B 334 -12.71 18.84 -31.56
C ASP B 334 -11.74 19.76 -32.30
N ASP B 335 -12.27 20.57 -33.21
CA ASP B 335 -11.42 21.49 -33.97
C ASP B 335 -10.78 22.52 -33.04
N LEU B 336 -11.48 22.81 -31.94
CA LEU B 336 -11.01 23.75 -30.92
C LEU B 336 -9.87 23.14 -30.09
N LEU B 337 -9.81 21.81 -30.06
CA LEU B 337 -8.78 21.07 -29.34
C LEU B 337 -7.62 20.88 -30.32
N GLU B 338 -7.27 21.98 -30.98
CA GLU B 338 -6.18 22.05 -31.95
C GLU B 338 -4.90 22.49 -31.23
N VAL B 339 -5.00 22.64 -29.92
CA VAL B 339 -3.87 23.02 -29.07
C VAL B 339 -3.03 21.75 -28.89
N ALA B 340 -3.67 20.62 -29.14
CA ALA B 340 -3.05 19.30 -29.04
C ALA B 340 -1.85 19.19 -29.98
N MET B 341 -1.96 19.85 -31.14
CA MET B 341 -0.90 19.83 -32.14
C MET B 341 0.10 20.95 -31.92
N GLU B 342 -0.32 22.07 -31.33
CA GLU B 342 0.59 23.15 -31.07
C GLU B 342 1.44 22.75 -29.87
N LEU B 343 0.78 22.20 -28.86
CA LEU B 343 1.47 21.71 -27.68
C LEU B 343 2.48 20.67 -28.11
N GLU B 344 2.05 19.79 -29.01
CA GLU B 344 2.92 18.75 -29.54
C GLU B 344 4.03 19.41 -30.33
N ASN B 345 3.67 20.47 -31.06
CA ASN B 345 4.65 21.20 -31.86
C ASN B 345 5.71 21.78 -30.97
N ILE B 346 5.28 22.38 -29.87
CA ILE B 346 6.18 22.97 -28.88
C ILE B 346 7.05 21.86 -28.28
N ALA B 347 6.43 20.73 -27.95
CA ALA B 347 7.13 19.58 -27.37
C ALA B 347 8.25 19.04 -28.27
N LEU B 348 8.11 19.24 -29.57
CA LEU B 348 9.09 18.78 -30.55
C LEU B 348 10.13 19.83 -30.93
N ASN B 349 9.78 21.11 -30.83
CA ASN B 349 10.69 22.17 -31.21
C ASN B 349 11.17 23.18 -30.15
N ASP B 350 10.33 23.50 -29.17
CA ASP B 350 10.70 24.43 -28.11
C ASP B 350 11.91 23.91 -27.33
N PRO B 351 12.95 24.74 -27.16
CA PRO B 351 14.18 24.38 -26.45
C PRO B 351 13.91 23.80 -25.06
N TYR B 352 13.10 24.52 -24.29
CA TYR B 352 12.72 24.13 -22.94
C TYR B 352 12.36 22.64 -22.86
N PHE B 353 11.67 22.15 -23.88
CA PHE B 353 11.26 20.75 -23.95
C PHE B 353 12.35 19.84 -24.47
N ILE B 354 12.98 20.21 -25.58
CA ILE B 354 14.05 19.40 -26.16
C ILE B 354 15.18 19.24 -25.15
N GLU B 355 15.36 20.26 -24.31
CA GLU B 355 16.40 20.24 -23.29
C GLU B 355 16.10 19.15 -22.28
N LYS B 356 14.95 19.26 -21.62
CA LYS B 356 14.56 18.27 -20.62
C LYS B 356 14.00 16.98 -21.26
N LYS B 357 14.07 16.89 -22.59
CA LYS B 357 13.57 15.74 -23.33
C LYS B 357 12.07 15.48 -23.09
N LEU B 358 11.30 16.56 -23.05
CA LEU B 358 9.87 16.50 -22.80
C LEU B 358 9.11 16.02 -24.03
N TYR B 359 9.25 14.73 -24.33
CA TYR B 359 8.57 14.11 -25.46
C TYR B 359 7.13 13.71 -25.10
N PRO B 360 6.23 13.67 -26.09
CA PRO B 360 4.85 13.28 -25.82
C PRO B 360 4.76 11.77 -25.61
N ASN B 361 4.36 11.35 -24.41
CA ASN B 361 4.23 9.93 -24.09
C ASN B 361 2.83 9.40 -24.38
N VAL B 362 2.54 8.17 -23.97
CA VAL B 362 1.23 7.57 -24.20
C VAL B 362 0.11 8.39 -23.59
N ASP B 363 0.34 8.90 -22.39
CA ASP B 363 -0.65 9.70 -21.69
C ASP B 363 -0.96 11.01 -22.41
N PHE B 364 0.01 11.51 -23.16
CA PHE B 364 -0.19 12.74 -23.92
C PHE B 364 -1.33 12.54 -24.92
N TYR B 365 -1.21 11.51 -25.74
CA TYR B 365 -2.23 11.20 -26.75
C TYR B 365 -3.49 10.56 -26.16
N SER B 366 -3.31 9.71 -25.16
CA SER B 366 -4.45 9.05 -24.48
C SER B 366 -5.39 10.13 -23.93
N GLY B 367 -4.80 11.23 -23.49
CA GLY B 367 -5.57 12.34 -22.94
C GLY B 367 -6.37 13.06 -24.00
N ILE B 368 -5.76 13.28 -25.16
CA ILE B 368 -6.45 13.97 -26.26
C ILE B 368 -7.67 13.17 -26.72
N ILE B 369 -7.54 11.85 -26.69
CA ILE B 369 -8.62 10.96 -27.07
C ILE B 369 -9.70 10.99 -26.00
N LEU B 370 -9.30 10.83 -24.74
CA LEU B 370 -10.22 10.84 -23.63
C LEU B 370 -10.95 12.17 -23.57
N LYS B 371 -10.24 13.26 -23.86
CA LYS B 371 -10.85 14.58 -23.88
C LYS B 371 -11.77 14.68 -25.10
N ALA B 372 -11.30 14.13 -26.22
CA ALA B 372 -12.06 14.15 -27.47
C ALA B 372 -13.40 13.43 -27.29
N MET B 373 -13.37 12.36 -26.50
CA MET B 373 -14.54 11.52 -26.20
C MET B 373 -15.53 12.10 -25.20
N GLY B 374 -15.24 13.28 -24.66
CA GLY B 374 -16.13 13.90 -23.68
C GLY B 374 -15.90 13.47 -22.23
N ILE B 375 -14.73 12.91 -21.96
CA ILE B 375 -14.38 12.44 -20.62
C ILE B 375 -13.68 13.54 -19.81
N PRO B 376 -14.09 13.72 -18.55
CA PRO B 376 -13.51 14.75 -17.68
C PRO B 376 -12.12 14.33 -17.15
N SER B 377 -11.21 15.30 -17.14
CA SER B 377 -9.85 15.11 -16.68
C SER B 377 -9.74 14.18 -15.47
N SER B 378 -10.53 14.48 -14.45
CA SER B 378 -10.53 13.72 -13.22
C SER B 378 -10.61 12.20 -13.43
N MET B 379 -11.25 11.79 -14.50
CA MET B 379 -11.42 10.38 -14.81
C MET B 379 -10.34 9.82 -15.73
N PHE B 380 -9.13 10.35 -15.67
CA PHE B 380 -8.09 9.86 -16.57
C PHE B 380 -7.12 8.89 -15.92
N THR B 381 -6.78 9.13 -14.66
CA THR B 381 -5.87 8.21 -13.95
C THR B 381 -6.74 7.05 -13.47
N VAL B 382 -8.03 7.34 -13.25
CA VAL B 382 -8.97 6.32 -12.81
C VAL B 382 -8.94 5.24 -13.90
N ILE B 383 -9.20 5.65 -15.15
CA ILE B 383 -9.19 4.76 -16.32
C ILE B 383 -7.83 4.07 -16.47
N ALA B 384 -6.77 4.79 -16.10
CA ALA B 384 -5.40 4.27 -16.17
C ALA B 384 -5.17 3.24 -15.06
N ALA B 385 -5.77 3.50 -13.90
CA ALA B 385 -5.65 2.62 -12.73
C ALA B 385 -6.49 1.37 -12.98
N MET B 386 -7.59 1.56 -13.71
CA MET B 386 -8.51 0.48 -14.06
C MET B 386 -7.80 -0.46 -15.02
N ALA B 387 -7.16 0.11 -16.04
CA ALA B 387 -6.41 -0.68 -17.03
C ALA B 387 -5.16 -1.34 -16.41
N ARG B 388 -4.47 -0.59 -15.56
CA ARG B 388 -3.25 -1.09 -14.90
C ARG B 388 -3.50 -2.18 -13.86
N THR B 389 -4.75 -2.36 -13.45
CA THR B 389 -5.08 -3.38 -12.45
C THR B 389 -4.75 -4.78 -12.91
N VAL B 390 -4.95 -5.09 -14.19
CA VAL B 390 -4.62 -6.43 -14.69
C VAL B 390 -3.15 -6.72 -14.48
N GLY B 391 -2.33 -5.66 -14.57
CA GLY B 391 -0.90 -5.77 -14.37
C GLY B 391 -0.65 -6.03 -12.91
N TRP B 392 -1.20 -5.16 -12.05
CA TRP B 392 -1.05 -5.33 -10.61
C TRP B 392 -1.51 -6.73 -10.20
N ILE B 393 -2.52 -7.25 -10.90
CA ILE B 393 -3.04 -8.60 -10.62
C ILE B 393 -1.99 -9.65 -10.96
N ALA B 394 -1.36 -9.50 -12.12
CA ALA B 394 -0.32 -10.41 -12.59
C ALA B 394 0.91 -10.37 -11.70
N HIS B 395 1.35 -9.17 -11.33
CA HIS B 395 2.51 -9.01 -10.47
C HIS B 395 2.25 -9.64 -9.12
N TRP B 396 1.17 -9.21 -8.47
CA TRP B 396 0.76 -9.75 -7.18
C TRP B 396 0.69 -11.28 -7.27
N SER B 397 0.13 -11.80 -8.36
CA SER B 397 0.01 -13.24 -8.56
C SER B 397 1.34 -13.96 -8.75
N GLU B 398 2.28 -13.33 -9.47
CA GLU B 398 3.60 -13.91 -9.72
C GLU B 398 4.44 -13.90 -8.45
N MET B 399 4.14 -12.96 -7.56
CA MET B 399 4.82 -12.84 -6.29
C MET B 399 4.32 -13.97 -5.37
N HIS B 400 3.06 -14.35 -5.55
CA HIS B 400 2.48 -15.48 -4.82
C HIS B 400 2.81 -16.89 -5.26
N SER B 401 3.91 -17.02 -5.98
CA SER B 401 4.35 -18.32 -6.43
C SER B 401 5.83 -18.39 -6.07
N ASP B 402 6.51 -17.25 -6.23
CA ASP B 402 7.94 -17.12 -5.94
C ASP B 402 8.30 -17.62 -4.54
N GLY B 403 7.45 -17.31 -3.57
CA GLY B 403 7.69 -17.72 -2.20
C GLY B 403 7.10 -16.71 -1.25
N MET B 404 6.36 -15.74 -1.81
CA MET B 404 5.71 -14.68 -1.04
C MET B 404 6.67 -14.17 0.03
N LYS B 405 7.76 -13.57 -0.42
CA LYS B 405 8.78 -13.03 0.46
C LYS B 405 8.38 -11.72 1.13
N ILE B 406 8.10 -11.77 2.43
CA ILE B 406 7.70 -10.59 3.17
C ILE B 406 8.79 -9.53 3.20
N ALA B 407 8.49 -8.37 2.63
CA ALA B 407 9.45 -7.27 2.60
C ALA B 407 9.85 -6.89 4.02
N ARG B 408 11.06 -7.28 4.41
CA ARG B 408 11.57 -7.00 5.76
C ARG B 408 12.95 -6.36 5.68
N PRO B 409 13.04 -5.16 5.08
CA PRO B 409 14.30 -4.44 4.94
C PRO B 409 14.97 -3.99 6.24
N ARG B 410 16.24 -3.60 6.09
CA ARG B 410 17.05 -3.14 7.18
C ARG B 410 17.04 -1.63 7.09
N GLN B 411 17.80 -0.99 7.95
CA GLN B 411 17.90 0.46 7.96
C GLN B 411 19.25 0.88 8.50
N LEU B 412 19.83 1.93 7.92
CA LEU B 412 21.07 2.44 8.46
C LEU B 412 20.53 3.34 9.56
N TYR B 413 20.74 2.94 10.81
CA TYR B 413 20.27 3.68 11.95
C TYR B 413 21.29 4.73 12.41
N THR B 414 20.92 5.99 12.30
CA THR B 414 21.81 7.06 12.71
C THR B 414 21.19 7.93 13.79
N GLY B 415 20.26 7.37 14.56
CA GLY B 415 19.62 8.13 15.62
C GLY B 415 20.38 8.15 16.93
N TYR B 416 19.66 8.27 18.04
CA TYR B 416 20.27 8.30 19.37
C TYR B 416 20.60 6.93 19.94
N GLU B 417 21.76 6.82 20.60
CA GLU B 417 22.12 5.56 21.23
C GLU B 417 21.24 5.54 22.48
N LYS B 418 21.14 4.40 23.13
CA LYS B 418 20.32 4.27 24.32
C LYS B 418 20.52 5.45 25.26
N ARG B 419 19.40 5.96 25.77
CA ARG B 419 19.37 7.07 26.71
C ARG B 419 18.18 6.90 27.65
N ASP B 420 18.42 7.10 28.94
CA ASP B 420 17.37 6.94 29.93
C ASP B 420 16.23 7.94 29.71
N PHE B 421 15.01 7.53 30.03
CA PHE B 421 13.86 8.40 29.85
C PHE B 421 13.37 8.99 31.17
N LYS B 422 13.21 10.32 31.17
CA LYS B 422 12.72 11.04 32.34
C LYS B 422 11.72 12.13 31.91
N SER B 423 10.44 11.83 32.07
CA SER B 423 9.37 12.74 31.71
C SER B 423 9.21 13.84 32.75
N ASP B 424 9.20 15.07 32.29
CA ASP B 424 9.04 16.21 33.18
C ASP B 424 7.70 16.89 32.88
N ILE B 425 6.62 16.10 32.88
CA ILE B 425 5.28 16.61 32.58
C ILE B 425 4.25 16.08 33.58
N LYS B 426 3.02 16.59 33.50
CA LYS B 426 2.00 16.12 34.41
C LYS B 426 0.66 16.46 33.77
N ARG B 427 0.27 15.61 32.81
CA ARG B 427 -0.99 15.73 32.09
C ARG B 427 -1.15 14.49 31.18
S SO4 C . 6.88 -8.27 9.78
O1 SO4 C . 6.23 -9.52 9.23
O2 SO4 C . 7.79 -7.69 8.75
O3 SO4 C . 5.80 -7.28 10.09
O4 SO4 C . 7.59 -8.65 11.02
S SO4 D . 4.72 -6.25 14.70
O1 SO4 D . 4.22 -7.67 14.71
O2 SO4 D . 3.86 -5.47 13.76
O3 SO4 D . 6.14 -6.21 14.22
O4 SO4 D . 4.57 -5.75 16.09
PA NAI E . -13.88 17.59 9.98
O1A NAI E . -15.04 18.40 9.54
O2A NAI E . -13.44 16.71 8.89
O5B NAI E . -14.24 16.68 11.20
C5B NAI E . -14.71 17.20 12.49
C4B NAI E . -15.36 18.58 12.56
O4B NAI E . -15.68 18.64 14.00
C3B NAI E . -14.39 19.72 12.31
O3B NAI E . -15.12 20.84 11.72
C2B NAI E . -13.80 19.97 13.72
O2B NAI E . -13.40 21.36 13.95
C1B NAI E . -14.89 19.56 14.69
N9A NAI E . -14.35 18.78 15.79
C8A NAI E . -13.58 17.63 15.74
N7A NAI E . -13.24 17.15 16.95
C5A NAI E . -13.82 18.07 17.82
C6A NAI E . -13.81 18.12 19.23
N6A NAI E . -13.19 17.21 20.01
N1A NAI E . -14.49 19.17 19.80
C2A NAI E . -15.11 20.08 18.96
N3A NAI E . -15.15 20.10 17.64
C4A NAI E . -14.50 19.07 17.12
O3 NAI E . -12.71 18.53 10.51
PN NAI E . -11.16 18.13 11.06
O1N NAI E . -11.11 18.03 12.58
O2N NAI E . -10.55 17.08 10.42
O5D NAI E . -10.56 19.51 10.63
C5D NAI E . -10.14 20.41 11.68
C4D NAI E . -9.54 21.63 11.05
O4D NAI E . -8.47 22.03 11.97
C3D NAI E . -8.86 21.37 9.72
O3D NAI E . -9.62 21.70 8.55
C2D NAI E . -7.50 22.11 9.82
O2D NAI E . -7.62 23.39 9.17
C1D NAI E . -7.28 22.28 11.27
N1N NAI E . -6.30 21.39 11.83
C2N NAI E . -5.40 22.16 12.43
C3N NAI E . -4.47 21.58 13.00
C7N NAI E . -3.44 22.26 13.68
O7N NAI E . -3.58 23.50 13.65
N7N NAI E . -2.44 21.61 14.28
C4N NAI E . -4.24 20.08 13.08
C5N NAI E . -5.26 19.38 12.40
C6N NAI E . -6.32 19.97 11.76
S SO4 F . 7.27 5.56 -11.55
O1 SO4 F . 8.19 6.12 -12.58
O2 SO4 F . 6.25 5.58 -12.63
O3 SO4 F . 8.18 4.34 -11.54
O4 SO4 F . 7.79 6.76 -10.80
S SO4 G . 2.63 4.57 -16.08
O1 SO4 G . 2.96 5.97 -16.56
O2 SO4 G . 2.57 3.35 -16.91
O3 SO4 G . 2.84 4.31 -14.60
O4 SO4 G . 4.10 4.48 -16.22
PA NAI H . -21.01 -10.28 -5.38
O1A NAI H . -20.98 -10.63 -3.88
O2A NAI H . -20.09 -9.11 -5.66
O5B NAI H . -22.43 -10.15 -5.90
C5B NAI H . -22.72 -9.79 -7.25
C4B NAI H . -23.90 -10.65 -7.64
O4B NAI H . -24.28 -10.34 -9.01
C3B NAI H . -23.59 -12.16 -7.61
O3B NAI H . -24.74 -12.89 -7.10
C2B NAI H . -23.19 -12.37 -9.09
O2B NAI H . -23.32 -13.74 -9.55
C1B NAI H . -24.17 -11.46 -9.82
N9A NAI H . -23.65 -10.98 -11.07
C8A NAI H . -22.57 -10.19 -11.32
N7A NAI H . -22.39 -9.93 -12.63
C5A NAI H . -23.43 -10.62 -13.22
C6A NAI H . -23.83 -10.76 -14.56
N6A NAI H . -23.17 -10.18 -15.57
N1A NAI H . -24.92 -11.52 -14.81
C2A NAI H . -25.56 -12.09 -13.75
N3A NAI H . -25.27 -12.01 -12.47
C4A NAI H . -24.21 -11.27 -12.26
O3 NAI H . -20.51 -11.51 -6.20
PN NAI H . -19.32 -11.59 -7.43
O1N NAI H . -19.87 -11.23 -8.80
O2N NAI H . -18.12 -10.96 -7.13
O5D NAI H . -19.21 -13.15 -7.35
C5D NAI H . -20.00 -14.00 -6.49
C4D NAI H . -19.52 -15.40 -6.77
O4D NAI H . -18.71 -15.36 -8.00
C3D NAI H . -18.59 -16.00 -5.71
O3D NAI H . -19.20 -16.98 -4.85
C2D NAI H . -17.35 -16.48 -6.53
O2D NAI H . -17.00 -17.82 -6.15
C1D NAI H . -17.84 -16.43 -7.91
N1N NAI H . -16.89 -16.37 -8.93
C2N NAI H . -16.81 -17.48 -9.62
C3N NAI H . -15.98 -17.53 -10.53
C7N NAI H . -15.82 -18.71 -11.33
O7N NAI H . -16.61 -19.62 -10.99
N7N NAI H . -14.94 -18.83 -12.33
C4N NAI H . -15.02 -16.42 -10.94
C5N NAI H . -15.20 -15.27 -10.13
C6N NAI H . -16.11 -15.17 -9.10
#